data_4XNB
#
_entry.id   4XNB
#
_cell.length_a   120.191
_cell.length_b   120.191
_cell.length_c   169.921
_cell.angle_alpha   90.00
_cell.angle_beta   90.00
_cell.angle_gamma   120.00
#
_symmetry.space_group_name_H-M   'P 31 2 1'
#
loop_
_entity.id
_entity.type
_entity.pdbx_description
1 polymer 'Aminopeptidase N'
2 non-polymer 'ZINC ION'
3 non-polymer '(3S)-3-AMINO-4-PHENYLBUTANOIC ACID'
4 non-polymer 'SODIUM ION'
5 non-polymer GLYCEROL
6 non-polymer 'MALONATE ION'
7 water water
#
_entity_poly.entity_id   1
_entity_poly.type   'polypeptide(L)'
_entity_poly.pdbx_seq_one_letter_code
;PQAKYRHDYRAPDYQITDIDLTFDLDAQKTVVTAVSQAVRHGASDAPLRLNGEDLKLVSVHINDEPWTAWKEEEGALVIS
NLPERFTLKIINEISPAANTALEGLYQSGDALCTQCEAEGFRHITYYLDRPDVLARFTTKIIADKIKYPFLLSNGNRVAQ
GELENGRHWVQWQDPFPKPCYLFALVAGDFDVLRDTFTTRSGREVALELYVDRGNLDRAPWAMTSLKNSMKWDEERFGLE
YDLDIYMIVAVDFFNMGAMENKGLNIFNSKYVLARTDTATDKDYLDIERVIGHEYFHNWTGNRVTCRDWFQLSLKEGLTV
FRDQEFSSDLGSRAVNRINNVRTMRGLQFAEDASPMAHPIRPDMVIEMNNFYTLTVYEKGAEVIRMIHTLLGEENFQKGM
QLYFERHDGSAATCDDFVQAMEDASNVDLSHFRRWYSQSGTPIVTVKDDYNPETEQYTLTISQRTPATPDQAEKQPLHIP
FAIELYDNEGKVIPLQKGGHPVNSVLNVTQAEQTFVFDNVYFQPVPALLCEFSAPVKLEYKWSDQQLTFLMRHARNDFSR
WDAAQSLLATYIKLNVARHQQGQPLSLPVHVADAFRAVLLDEKIDPALAAEILTLPSVNEMAELFDIIDPIAIAEVREAL
TRTLATELADELLAIYNANYQSEYRVEHEDIAKRTLRNACLRFLAFGETHLADVLVSKQFHEANNMTDALAALSAAVAAQ
LPCRDALMQEYDDKWHQNGLVMDKWFILQATSPAANVLETVRGLLQHRSFTMSNPNRIRSLIGAFAGSNPAAFHAEDGSG
YLFLVEMLTDLNSRNPQVASRLIEPLIRLKRYDAKRQEKMRAALEQLKGLENLSGDLYEKITKALA
;
_entity_poly.pdbx_strand_id   A
#
# COMPACT_ATOMS: atom_id res chain seq x y z
N PRO A 1 0.18 18.91 -20.43
CA PRO A 1 0.73 18.83 -19.06
C PRO A 1 2.22 18.47 -19.05
N GLN A 2 2.95 19.12 -18.18
CA GLN A 2 4.39 19.18 -18.30
C GLN A 2 5.03 18.33 -17.24
N ALA A 3 6.05 17.63 -17.62
CA ALA A 3 6.85 16.86 -16.64
C ALA A 3 7.65 17.73 -15.74
N LYS A 4 7.75 17.42 -14.44
CA LYS A 4 8.76 17.99 -13.62
C LYS A 4 9.86 17.02 -13.26
N TYR A 5 11.01 17.57 -12.99
CA TYR A 5 12.24 16.84 -12.80
C TYR A 5 12.88 17.15 -11.47
N ARG A 6 13.32 16.06 -10.85
CA ARG A 6 14.01 16.13 -9.57
C ARG A 6 15.23 17.02 -9.58
N HIS A 7 16.00 16.96 -10.67
CA HIS A 7 17.22 17.74 -10.75
C HIS A 7 16.93 19.23 -10.89
N ASP A 8 15.71 19.61 -11.17
CA ASP A 8 15.36 21.02 -11.21
C ASP A 8 14.96 21.61 -9.85
N TYR A 9 15.10 20.90 -8.74
CA TYR A 9 14.69 21.46 -7.47
C TYR A 9 15.50 22.72 -7.18
N ARG A 10 14.84 23.75 -6.69
CA ARG A 10 15.50 24.92 -6.18
CA ARG A 10 15.47 24.97 -6.23
C ARG A 10 14.73 25.46 -4.98
N ALA A 11 15.47 25.93 -3.98
CA ALA A 11 14.87 26.53 -2.79
C ALA A 11 13.88 27.68 -3.21
N PRO A 12 12.82 27.87 -2.44
CA PRO A 12 11.80 28.79 -2.81
C PRO A 12 12.32 30.28 -2.65
N ASP A 13 11.89 31.13 -3.55
CA ASP A 13 12.19 32.55 -3.51
C ASP A 13 11.55 33.23 -2.28
N TYR A 14 10.43 32.69 -1.80
CA TYR A 14 9.66 33.18 -0.65
C TYR A 14 9.36 32.06 0.30
N GLN A 15 9.35 32.35 1.59
CA GLN A 15 8.84 31.46 2.60
C GLN A 15 7.64 32.11 3.22
N ILE A 16 6.72 31.26 3.70
CA ILE A 16 5.63 31.66 4.57
C ILE A 16 5.93 31.09 5.94
N THR A 17 5.79 31.89 6.99
CA THR A 17 6.10 31.43 8.32
C THR A 17 4.88 31.13 9.16
N ASP A 18 3.77 31.79 8.89
CA ASP A 18 2.54 31.76 9.71
C ASP A 18 1.43 32.00 8.73
N ILE A 19 0.36 31.24 8.86
CA ILE A 19 -0.87 31.44 8.12
C ILE A 19 -2.08 31.31 9.07
N ASP A 20 -2.95 32.31 8.93
CA ASP A 20 -4.23 32.38 9.63
CA ASP A 20 -4.22 32.30 9.61
C ASP A 20 -5.35 32.19 8.61
N LEU A 21 -6.08 31.09 8.70
CA LEU A 21 -7.14 30.76 7.76
C LEU A 21 -8.49 30.96 8.44
N THR A 22 -9.45 31.48 7.68
CA THR A 22 -10.83 31.47 8.10
C THR A 22 -11.68 30.82 6.97
N PHE A 23 -12.57 29.90 7.32
CA PHE A 23 -13.46 29.29 6.43
C PHE A 23 -14.89 29.64 6.82
N ASP A 24 -15.56 30.37 5.95
CA ASP A 24 -16.99 30.55 6.04
C ASP A 24 -17.61 29.39 5.20
N LEU A 25 -17.90 28.32 5.91
CA LEU A 25 -18.20 27.01 5.32
CA LEU A 25 -18.16 27.04 5.35
C LEU A 25 -19.61 26.90 4.87
N ASP A 26 -19.77 26.43 3.63
CA ASP A 26 -21.06 26.10 3.07
C ASP A 26 -20.78 25.11 1.93
N ALA A 27 -21.61 24.09 1.81
CA ALA A 27 -21.39 23.06 0.74
C ALA A 27 -21.33 23.63 -0.66
N GLN A 28 -22.15 24.62 -0.96
CA GLN A 28 -22.21 25.22 -2.33
C GLN A 28 -21.19 26.29 -2.51
N LYS A 29 -21.00 27.11 -1.48
CA LYS A 29 -19.99 28.17 -1.61
C LYS A 29 -19.29 28.47 -0.31
N THR A 30 -18.02 28.08 -0.24
CA THR A 30 -17.17 28.37 0.90
C THR A 30 -16.26 29.52 0.61
N VAL A 31 -16.19 30.46 1.54
CA VAL A 31 -15.30 31.58 1.42
C VAL A 31 -14.08 31.39 2.32
N VAL A 32 -12.88 31.45 1.73
CA VAL A 32 -11.64 31.23 2.41
C VAL A 32 -10.96 32.57 2.49
N THR A 33 -10.59 32.98 3.70
CA THR A 33 -9.67 34.11 3.95
C THR A 33 -8.37 33.56 4.50
N ALA A 34 -7.25 33.91 3.89
CA ALA A 34 -5.96 33.38 4.26
C ALA A 34 -4.97 34.57 4.44
N VAL A 35 -4.48 34.69 5.67
CA VAL A 35 -3.56 35.75 5.99
C VAL A 35 -2.22 35.12 6.26
N SER A 36 -1.24 35.32 5.37
CA SER A 36 0.07 34.68 5.48
C SER A 36 1.14 35.72 5.78
N GLN A 37 2.08 35.37 6.64
CA GLN A 37 3.26 36.18 6.87
C GLN A 37 4.37 35.63 6.06
N ALA A 38 4.86 36.42 5.11
CA ALA A 38 5.82 35.99 4.17
C ALA A 38 7.16 36.70 4.28
N VAL A 39 8.16 36.05 3.75
CA VAL A 39 9.56 36.55 3.76
C VAL A 39 10.22 36.21 2.44
N ARG A 40 10.80 37.21 1.80
CA ARG A 40 11.52 37.03 0.58
C ARG A 40 12.95 36.60 0.84
N HIS A 41 13.35 35.47 0.26
CA HIS A 41 14.70 34.94 0.32
CA HIS A 41 14.73 35.01 0.35
C HIS A 41 15.45 35.17 -1.00
N GLY A 42 14.74 35.14 -2.13
CA GLY A 42 15.35 35.35 -3.44
C GLY A 42 15.63 36.81 -3.80
N ALA A 43 15.81 37.04 -5.10
CA ALA A 43 16.17 38.41 -5.53
C ALA A 43 14.98 39.32 -5.38
N SER A 44 15.28 40.62 -5.26
CA SER A 44 14.28 41.64 -4.97
C SER A 44 13.32 41.75 -6.10
N ASP A 45 13.73 41.32 -7.28
CA ASP A 45 12.84 41.38 -8.42
C ASP A 45 12.12 40.07 -8.76
N ALA A 46 12.24 39.07 -7.89
CA ALA A 46 11.54 37.74 -8.18
C ALA A 46 10.09 37.90 -7.68
N PRO A 47 9.11 37.48 -8.47
CA PRO A 47 7.74 37.62 -8.02
C PRO A 47 7.38 36.46 -7.08
N LEU A 48 6.32 36.60 -6.31
CA LEU A 48 5.83 35.47 -5.52
C LEU A 48 4.86 34.68 -6.42
N ARG A 49 5.10 33.38 -6.65
CA ARG A 49 4.24 32.57 -7.46
C ARG A 49 3.46 31.60 -6.64
N LEU A 50 2.15 31.80 -6.53
CA LEU A 50 1.35 30.98 -5.64
C LEU A 50 0.65 29.97 -6.50
N ASN A 51 0.53 28.75 -6.05
CA ASN A 51 -0.27 27.78 -6.76
C ASN A 51 -1.72 27.94 -6.42
N GLY A 52 -2.57 27.68 -7.38
CA GLY A 52 -4.01 27.64 -7.15
C GLY A 52 -4.70 26.92 -8.27
N GLU A 53 -5.75 26.15 -7.92
CA GLU A 53 -6.52 25.40 -8.92
C GLU A 53 -8.01 25.53 -8.61
N ASP A 54 -8.77 25.95 -9.60
CA ASP A 54 -10.22 26.14 -9.49
C ASP A 54 -10.68 27.02 -8.30
N LEU A 55 -10.07 28.18 -8.16
CA LEU A 55 -10.37 29.12 -7.06
C LEU A 55 -11.08 30.32 -7.71
N LYS A 56 -12.07 30.93 -7.09
CA LYS A 56 -12.59 32.23 -7.56
C LYS A 56 -11.97 33.28 -6.67
N LEU A 57 -11.00 34.01 -7.22
CA LEU A 57 -10.31 35.08 -6.46
C LEU A 57 -11.22 36.28 -6.17
N VAL A 58 -11.27 36.71 -4.93
CA VAL A 58 -12.12 37.81 -4.51
C VAL A 58 -11.25 39.06 -4.30
N SER A 59 -10.10 38.92 -3.61
CA SER A 59 -9.27 40.04 -3.34
C SER A 59 -7.87 39.62 -2.92
N VAL A 60 -6.94 40.54 -3.14
CA VAL A 60 -5.52 40.38 -2.83
C VAL A 60 -5.05 41.65 -2.13
N HIS A 61 -4.59 41.56 -0.90
CA HIS A 61 -3.98 42.69 -0.16
C HIS A 61 -2.57 42.35 0.33
N ILE A 62 -1.69 43.33 0.37
CA ILE A 62 -0.33 43.20 0.85
C ILE A 62 -0.20 44.27 1.89
N ASN A 63 0.05 43.90 3.14
CA ASN A 63 -0.04 44.78 4.30
C ASN A 63 -1.30 45.60 4.38
N ASP A 64 -2.45 45.01 4.11
CA ASP A 64 -3.77 45.70 4.07
C ASP A 64 -3.96 46.69 2.91
N GLU A 65 -3.04 46.75 1.98
CA GLU A 65 -3.22 47.56 0.76
C GLU A 65 -3.74 46.69 -0.40
N PRO A 66 -4.89 47.03 -1.02
CA PRO A 66 -5.38 46.33 -2.18
C PRO A 66 -4.28 46.34 -3.25
N TRP A 67 -3.89 45.17 -3.72
CA TRP A 67 -2.69 45.07 -4.54
C TRP A 67 -3.02 45.12 -5.99
N THR A 68 -2.25 45.90 -6.77
CA THR A 68 -2.51 45.97 -8.20
C THR A 68 -1.52 45.21 -9.03
N ALA A 69 -0.39 44.85 -8.44
CA ALA A 69 0.70 44.25 -9.15
C ALA A 69 0.64 42.73 -9.05
N TRP A 70 -0.40 42.20 -9.69
CA TRP A 70 -0.55 40.74 -9.79
C TRP A 70 -1.18 40.31 -11.10
N LYS A 71 -1.08 39.03 -11.40
CA LYS A 71 -1.79 38.44 -12.51
C LYS A 71 -2.08 36.97 -12.24
N GLU A 72 -3.20 36.50 -12.74
CA GLU A 72 -3.54 35.12 -12.69
C GLU A 72 -3.07 34.47 -13.98
N GLU A 73 -2.45 33.31 -13.89
CA GLU A 73 -2.01 32.51 -15.04
CA GLU A 73 -2.06 32.53 -15.08
C GLU A 73 -2.50 31.08 -14.78
N GLU A 74 -2.27 30.19 -15.72
CA GLU A 74 -2.72 28.79 -15.59
C GLU A 74 -2.15 28.22 -14.30
N GLY A 75 -3.00 27.88 -13.36
CA GLY A 75 -2.54 27.23 -12.12
C GLY A 75 -1.83 28.14 -11.13
N ALA A 76 -1.91 29.48 -11.32
CA ALA A 76 -1.07 30.35 -10.47
C ALA A 76 -1.62 31.76 -10.29
N LEU A 77 -1.13 32.40 -9.24
CA LEU A 77 -1.32 33.83 -9.03
C LEU A 77 0.07 34.31 -8.80
N VAL A 78 0.50 35.23 -9.64
CA VAL A 78 1.84 35.73 -9.63
C VAL A 78 1.85 37.18 -9.14
N ILE A 79 2.52 37.47 -8.00
CA ILE A 79 2.40 38.74 -7.29
C ILE A 79 3.78 39.39 -7.37
N SER A 80 3.84 40.57 -7.99
CA SER A 80 5.10 41.30 -8.18
C SER A 80 5.32 42.44 -7.19
N ASN A 81 6.56 42.90 -7.13
CA ASN A 81 6.96 44.16 -6.51
C ASN A 81 6.78 44.19 -5.01
N LEU A 82 7.18 43.11 -4.37
CA LEU A 82 6.93 42.97 -2.97
C LEU A 82 8.07 43.39 -2.07
N PRO A 83 7.77 43.80 -0.86
CA PRO A 83 8.87 44.03 0.05
C PRO A 83 9.48 42.71 0.57
N GLU A 84 10.50 42.84 1.39
CA GLU A 84 11.18 41.70 1.93
C GLU A 84 10.35 40.89 2.95
N ARG A 85 9.50 41.56 3.72
CA ARG A 85 8.64 40.93 4.70
C ARG A 85 7.30 41.58 4.56
N PHE A 86 6.25 40.81 4.56
CA PHE A 86 4.90 41.37 4.34
C PHE A 86 3.84 40.42 4.76
N THR A 87 2.64 40.95 4.93
CA THR A 87 1.44 40.15 5.20
C THR A 87 0.64 40.11 3.91
N LEU A 88 0.42 38.90 3.39
CA LEU A 88 -0.40 38.62 2.27
C LEU A 88 -1.78 38.25 2.73
N LYS A 89 -2.81 38.89 2.18
CA LYS A 89 -4.19 38.43 2.45
C LYS A 89 -4.89 38.09 1.15
N ILE A 90 -5.37 36.84 1.06
CA ILE A 90 -6.16 36.39 -0.09
C ILE A 90 -7.53 36.02 0.39
N ILE A 91 -8.58 36.50 -0.30
CA ILE A 91 -9.89 35.96 -0.16
C ILE A 91 -10.29 35.27 -1.44
N ASN A 92 -10.86 34.09 -1.31
CA ASN A 92 -11.29 33.32 -2.49
C ASN A 92 -12.42 32.40 -2.18
N GLU A 93 -13.13 32.00 -3.25
CA GLU A 93 -14.25 31.08 -3.11
C GLU A 93 -13.99 29.73 -3.74
N ILE A 94 -14.60 28.71 -3.11
CA ILE A 94 -14.55 27.32 -3.64
C ILE A 94 -15.90 26.69 -3.43
N SER A 95 -16.08 25.51 -4.00
CA SER A 95 -17.37 24.85 -4.00
C SER A 95 -17.21 23.37 -3.65
N PRO A 96 -17.40 23.04 -2.36
CA PRO A 96 -17.23 21.66 -1.97
C PRO A 96 -18.11 20.64 -2.63
N ALA A 97 -19.37 20.98 -2.81
CA ALA A 97 -20.34 20.12 -3.45
C ALA A 97 -20.00 19.79 -4.89
N ALA A 98 -19.33 20.65 -5.60
CA ALA A 98 -18.84 20.35 -6.98
C ALA A 98 -17.61 19.44 -7.04
N ASN A 99 -16.91 19.20 -5.92
CA ASN A 99 -15.65 18.54 -5.92
C ASN A 99 -15.85 17.00 -5.93
N THR A 100 -16.01 16.45 -7.13
CA THR A 100 -16.16 15.00 -7.29
C THR A 100 -14.80 14.31 -7.24
N ALA A 101 -13.72 15.05 -7.37
CA ALA A 101 -12.38 14.44 -7.48
C ALA A 101 -11.88 14.04 -6.11
N LEU A 102 -12.43 14.66 -5.09
CA LEU A 102 -12.07 14.40 -3.70
C LEU A 102 -10.66 14.76 -3.33
N GLU A 103 -10.23 15.89 -3.84
CA GLU A 103 -8.92 16.50 -3.61
CA GLU A 103 -8.95 16.48 -3.48
C GLU A 103 -9.23 17.94 -3.24
N GLY A 104 -8.69 18.43 -2.14
CA GLY A 104 -9.07 19.70 -1.60
C GLY A 104 -10.14 19.57 -0.53
N LEU A 105 -11.07 20.53 -0.53
CA LEU A 105 -12.23 20.55 0.35
C LEU A 105 -13.44 19.98 -0.36
N TYR A 106 -13.98 18.92 0.16
CA TYR A 106 -15.09 18.24 -0.50
C TYR A 106 -16.13 17.72 0.47
N GLN A 107 -17.16 17.13 -0.07
CA GLN A 107 -18.24 16.59 0.73
C GLN A 107 -18.18 15.06 0.77
N SER A 108 -18.30 14.47 1.95
CA SER A 108 -18.40 13.01 2.14
C SER A 108 -19.67 12.76 2.87
N GLY A 109 -20.71 12.33 2.13
CA GLY A 109 -22.11 12.23 2.66
C GLY A 109 -22.52 13.65 3.11
N ASP A 110 -22.86 13.82 4.36
CA ASP A 110 -23.25 15.13 4.86
C ASP A 110 -22.06 15.89 5.50
N ALA A 111 -20.88 15.27 5.59
CA ALA A 111 -19.74 15.93 6.21
C ALA A 111 -18.94 16.71 5.14
N LEU A 112 -18.20 17.72 5.55
CA LEU A 112 -17.19 18.34 4.73
C LEU A 112 -15.85 17.91 5.27
N CYS A 113 -14.92 17.59 4.38
CA CYS A 113 -13.58 17.22 4.85
C CYS A 113 -12.57 17.54 3.76
N THR A 114 -11.34 17.45 4.14
CA THR A 114 -10.27 17.75 3.23
C THR A 114 -9.38 16.55 2.87
N GLN A 115 -8.71 16.63 1.69
CA GLN A 115 -7.47 15.83 1.42
C GLN A 115 -6.53 16.70 0.66
N CYS A 116 -5.41 16.98 1.27
CA CYS A 116 -4.44 17.93 0.75
C CYS A 116 -3.17 17.31 0.21
N GLU A 117 -2.80 16.10 0.60
CA GLU A 117 -1.61 15.47 0.00
C GLU A 117 -1.99 14.91 -1.38
N ALA A 118 -1.17 15.11 -2.43
CA ALA A 118 0.11 15.85 -2.40
C ALA A 118 -0.09 17.36 -2.58
N GLU A 119 -0.92 17.72 -3.55
CA GLU A 119 -1.11 19.14 -4.03
C GLU A 119 -2.52 19.56 -4.06
N GLY A 120 -3.22 19.23 -2.99
CA GLY A 120 -4.58 19.55 -2.85
C GLY A 120 -4.89 20.87 -2.13
N PHE A 121 -3.97 21.42 -1.35
CA PHE A 121 -4.24 22.63 -0.64
C PHE A 121 -4.45 23.80 -1.64
N ARG A 122 -3.77 23.77 -2.77
CA ARG A 122 -3.94 24.77 -3.81
C ARG A 122 -5.33 24.75 -4.40
N HIS A 123 -6.12 23.71 -4.12
CA HIS A 123 -7.55 23.71 -4.46
C HIS A 123 -8.42 24.40 -3.42
N ILE A 124 -7.79 24.88 -2.36
CA ILE A 124 -8.48 25.57 -1.27
C ILE A 124 -8.14 27.06 -1.27
N THR A 125 -6.88 27.42 -1.42
CA THR A 125 -6.49 28.81 -1.58
C THR A 125 -5.19 28.88 -2.35
N TYR A 126 -4.79 30.08 -2.75
CA TYR A 126 -3.54 30.35 -3.45
C TYR A 126 -2.38 30.28 -2.43
N TYR A 127 -1.40 29.39 -2.61
CA TYR A 127 -0.44 29.16 -1.59
C TYR A 127 0.85 28.66 -2.17
N LEU A 128 1.88 28.62 -1.35
CA LEU A 128 3.14 27.97 -1.74
C LEU A 128 2.95 26.45 -1.43
N ASP A 129 2.30 25.77 -2.36
CA ASP A 129 1.88 24.41 -2.13
C ASP A 129 3.01 23.48 -2.50
N ARG A 130 3.99 23.44 -1.61
CA ARG A 130 5.19 22.68 -1.76
C ARG A 130 5.72 22.38 -0.35
N PRO A 131 6.27 21.17 -0.13
CA PRO A 131 6.43 20.72 1.22
C PRO A 131 7.68 21.20 1.92
N ASP A 132 8.53 21.94 1.21
CA ASP A 132 9.62 22.61 1.85
C ASP A 132 9.26 24.02 2.44
N VAL A 133 7.99 24.45 2.33
CA VAL A 133 7.47 25.65 2.97
C VAL A 133 6.64 25.19 4.16
N LEU A 134 7.16 25.41 5.35
CA LEU A 134 6.49 25.04 6.59
C LEU A 134 6.04 26.27 7.31
N ALA A 135 4.81 26.31 7.79
CA ALA A 135 4.24 27.53 8.43
C ALA A 135 3.45 27.08 9.68
N ARG A 136 3.29 27.99 10.65
CA ARG A 136 2.38 27.77 11.78
C ARG A 136 1.00 28.15 11.38
N PHE A 137 0.06 27.22 11.49
CA PHE A 137 -1.31 27.42 11.11
C PHE A 137 -2.23 27.75 12.30
N THR A 138 -3.19 28.67 12.08
CA THR A 138 -4.38 28.77 12.90
CA THR A 138 -4.34 28.88 12.92
C THR A 138 -5.53 28.76 11.96
N THR A 139 -6.60 28.09 12.36
CA THR A 139 -7.71 27.84 11.51
C THR A 139 -9.00 28.13 12.19
N LYS A 140 -9.75 29.12 11.68
CA LYS A 140 -11.03 29.47 12.18
C LYS A 140 -12.08 28.98 11.19
N ILE A 141 -13.07 28.29 11.73
CA ILE A 141 -14.14 27.65 10.96
C ILE A 141 -15.47 28.21 11.44
N ILE A 142 -16.30 28.68 10.49
CA ILE A 142 -17.59 29.25 10.73
C ILE A 142 -18.59 28.47 9.94
N ALA A 143 -19.66 28.01 10.58
CA ALA A 143 -20.61 27.17 9.90
C ALA A 143 -21.97 27.11 10.62
N ASP A 144 -22.92 26.57 9.89
CA ASP A 144 -24.26 26.21 10.45
CA ASP A 144 -24.24 26.25 10.44
C ASP A 144 -24.13 25.21 11.55
N LYS A 145 -24.63 25.58 12.72
CA LYS A 145 -24.43 24.75 13.91
C LYS A 145 -25.23 23.43 13.87
N ILE A 146 -26.42 23.46 13.30
CA ILE A 146 -27.21 22.23 13.17
C ILE A 146 -26.59 21.28 12.17
N LYS A 147 -26.20 21.74 10.98
CA LYS A 147 -25.53 20.82 10.05
C LYS A 147 -24.14 20.42 10.51
N TYR A 148 -23.40 21.34 11.14
CA TYR A 148 -21.97 21.08 11.43
C TYR A 148 -21.64 21.39 12.87
N PRO A 149 -22.12 20.58 13.78
CA PRO A 149 -21.87 20.85 15.18
C PRO A 149 -20.45 20.58 15.60
N PHE A 150 -19.71 19.71 14.87
CA PHE A 150 -18.31 19.51 15.10
C PHE A 150 -17.53 20.18 13.96
N LEU A 151 -16.64 21.08 14.35
CA LEU A 151 -15.74 21.82 13.49
C LEU A 151 -14.31 21.57 13.96
N LEU A 152 -13.57 20.81 13.15
CA LEU A 152 -12.26 20.30 13.57
C LEU A 152 -11.15 20.76 12.58
N SER A 153 -10.02 21.13 13.14
CA SER A 153 -8.77 21.29 12.37
C SER A 153 -7.61 20.84 13.25
N ASN A 154 -6.41 20.93 12.71
CA ASN A 154 -5.19 20.47 13.37
C ASN A 154 -4.96 21.24 14.70
N GLY A 155 -4.50 20.50 15.70
CA GLY A 155 -3.99 21.04 16.93
C GLY A 155 -5.01 21.10 18.04
N ASN A 156 -5.10 22.28 18.71
CA ASN A 156 -5.99 22.49 19.87
C ASN A 156 -6.95 23.62 19.66
N ARG A 157 -8.11 23.58 20.29
CA ARG A 157 -9.05 24.71 20.26
C ARG A 157 -8.60 25.87 21.08
N VAL A 158 -8.53 27.03 20.48
CA VAL A 158 -8.08 28.22 21.17
C VAL A 158 -9.21 29.26 21.32
N ALA A 159 -10.29 29.13 20.58
CA ALA A 159 -11.35 30.18 20.61
C ALA A 159 -12.59 29.52 20.04
N GLN A 160 -13.74 30.03 20.44
CA GLN A 160 -14.98 29.54 19.99
C GLN A 160 -16.06 30.59 20.26
N GLY A 161 -17.11 30.59 19.43
CA GLY A 161 -18.18 31.56 19.60
C GLY A 161 -19.37 31.18 18.80
N GLU A 162 -20.42 31.89 19.11
CA GLU A 162 -21.71 31.65 18.46
C GLU A 162 -22.06 32.98 17.77
N LEU A 163 -22.78 32.90 16.68
CA LEU A 163 -23.13 34.06 15.91
C LEU A 163 -24.66 34.01 15.71
N GLU A 164 -25.17 35.06 15.15
CA GLU A 164 -26.57 35.02 14.72
C GLU A 164 -26.78 34.11 13.44
N ASN A 165 -28.06 33.85 13.24
CA ASN A 165 -28.57 33.02 12.16
C ASN A 165 -28.10 31.62 12.29
N GLY A 166 -27.91 31.16 13.52
CA GLY A 166 -27.68 29.75 13.76
C GLY A 166 -26.28 29.26 13.34
N ARG A 167 -25.33 30.16 13.25
CA ARG A 167 -23.96 29.82 12.90
CA ARG A 167 -23.99 29.77 12.91
C ARG A 167 -23.13 29.82 14.16
N HIS A 168 -22.07 29.04 14.13
CA HIS A 168 -21.08 29.12 15.23
C HIS A 168 -19.67 28.98 14.64
N TRP A 169 -18.66 29.10 15.48
CA TRP A 169 -17.28 29.04 14.98
C TRP A 169 -16.35 28.47 16.06
N VAL A 170 -15.22 27.95 15.60
CA VAL A 170 -14.20 27.36 16.46
C VAL A 170 -12.89 27.73 15.78
N GLN A 171 -11.90 28.12 16.54
CA GLN A 171 -10.56 28.38 16.03
C GLN A 171 -9.58 27.40 16.67
N TRP A 172 -8.70 26.89 15.82
CA TRP A 172 -7.73 25.87 16.14
C TRP A 172 -6.29 26.48 15.91
N GLN A 173 -5.34 26.00 16.70
CA GLN A 173 -3.97 26.32 16.53
C GLN A 173 -3.11 25.10 16.67
N ASP A 174 -2.16 24.97 15.76
CA ASP A 174 -1.21 23.84 15.79
C ASP A 174 0.15 24.47 15.94
N PRO A 175 0.86 24.21 17.05
CA PRO A 175 2.11 24.95 17.22
C PRO A 175 3.24 24.47 16.31
N PHE A 176 3.13 23.28 15.73
CA PHE A 176 4.25 22.76 14.90
C PHE A 176 4.15 23.30 13.48
N PRO A 177 5.20 23.97 13.00
CA PRO A 177 5.19 24.28 11.59
C PRO A 177 5.00 23.07 10.70
N LYS A 178 4.19 23.27 9.65
CA LYS A 178 3.87 22.22 8.75
C LYS A 178 3.84 22.69 7.30
N PRO A 179 4.16 21.77 6.38
CA PRO A 179 3.78 21.98 4.99
C PRO A 179 2.27 21.88 4.85
N CYS A 180 1.66 22.57 3.87
CA CYS A 180 0.28 22.58 3.74
C CYS A 180 -0.37 21.23 3.39
N TYR A 181 0.39 20.23 2.91
CA TYR A 181 -0.25 18.95 2.66
C TYR A 181 -0.77 18.28 3.93
N LEU A 182 -0.33 18.75 5.10
CA LEU A 182 -0.71 18.18 6.38
C LEU A 182 -1.85 18.92 7.03
N PHE A 183 -2.32 19.97 6.37
CA PHE A 183 -3.57 20.66 6.79
C PHE A 183 -4.80 19.76 6.67
N ALA A 184 -5.68 19.87 7.67
CA ALA A 184 -6.99 19.24 7.56
C ALA A 184 -8.09 20.06 8.17
N LEU A 185 -9.26 19.88 7.60
CA LEU A 185 -10.49 20.43 8.14
C LEU A 185 -11.58 19.43 8.02
N VAL A 186 -12.39 19.32 9.08
CA VAL A 186 -13.56 18.46 9.08
C VAL A 186 -14.72 19.20 9.68
N ALA A 187 -15.89 19.10 9.04
CA ALA A 187 -17.13 19.67 9.63
C ALA A 187 -18.26 18.66 9.45
N GLY A 188 -18.98 18.40 10.53
CA GLY A 188 -20.12 17.51 10.43
C GLY A 188 -20.70 17.14 11.74
N ASP A 189 -21.56 16.13 11.68
CA ASP A 189 -22.23 15.59 12.88
C ASP A 189 -21.79 14.14 13.03
N PHE A 190 -21.22 13.78 14.19
CA PHE A 190 -20.57 12.49 14.37
C PHE A 190 -20.97 11.97 15.79
N ASP A 191 -20.86 10.67 15.97
CA ASP A 191 -20.64 10.04 17.26
C ASP A 191 -19.12 10.06 17.50
N VAL A 192 -18.71 10.17 18.76
CA VAL A 192 -17.32 10.33 19.11
C VAL A 192 -16.97 9.33 20.18
N LEU A 193 -16.02 8.46 19.88
CA LEU A 193 -15.49 7.52 20.86
C LEU A 193 -14.27 8.25 21.50
N ARG A 194 -14.28 8.37 22.82
CA ARG A 194 -13.25 9.18 23.53
C ARG A 194 -12.50 8.28 24.48
N ASP A 195 -11.19 8.43 24.50
CA ASP A 195 -10.33 7.61 25.36
C ASP A 195 -9.10 8.42 25.68
N THR A 196 -8.14 7.84 26.39
CA THR A 196 -6.92 8.58 26.69
CA THR A 196 -6.95 8.56 26.78
C THR A 196 -5.76 7.63 26.61
N PHE A 197 -4.57 8.18 26.32
CA PHE A 197 -3.37 7.42 26.37
C PHE A 197 -2.39 8.29 27.14
N THR A 198 -1.68 7.72 28.09
CA THR A 198 -0.61 8.46 28.80
C THR A 198 0.77 8.01 28.31
N THR A 199 1.55 8.95 27.80
CA THR A 199 2.85 8.59 27.21
C THR A 199 3.78 8.17 28.33
N ARG A 200 4.90 7.57 27.95
CA ARG A 200 5.83 7.02 28.87
C ARG A 200 6.30 8.13 29.88
N SER A 201 6.55 9.33 29.40
CA SER A 201 7.01 10.47 30.22
C SER A 201 5.91 11.20 30.95
N GLY A 202 4.66 10.79 30.75
CA GLY A 202 3.52 11.29 31.50
C GLY A 202 2.63 12.28 30.75
N ARG A 203 2.79 12.46 29.45
CA ARG A 203 1.95 13.37 28.74
C ARG A 203 0.59 12.70 28.54
N GLU A 204 -0.46 13.40 28.91
CA GLU A 204 -1.80 12.82 28.78
C GLU A 204 -2.39 13.23 27.43
N VAL A 205 -2.84 12.24 26.65
CA VAL A 205 -3.34 12.55 25.31
C VAL A 205 -4.78 12.15 25.21
N ALA A 206 -5.62 13.09 24.84
CA ALA A 206 -7.02 12.77 24.59
C ALA A 206 -7.15 12.10 23.20
N LEU A 207 -7.75 10.93 23.15
CA LEU A 207 -8.00 10.22 21.85
C LEU A 207 -9.44 10.33 21.48
N GLU A 208 -9.73 10.80 20.29
CA GLU A 208 -11.07 11.04 19.80
C GLU A 208 -11.24 10.46 18.40
N LEU A 209 -12.14 9.52 18.30
CA LEU A 209 -12.51 8.89 17.01
C LEU A 209 -13.92 9.29 16.61
N TYR A 210 -14.06 9.99 15.49
CA TYR A 210 -15.26 10.52 14.99
C TYR A 210 -15.74 9.60 13.93
N VAL A 211 -16.97 9.14 14.06
CA VAL A 211 -17.59 8.21 13.12
C VAL A 211 -19.01 8.68 12.87
N ASP A 212 -19.59 8.22 11.77
CA ASP A 212 -20.95 8.57 11.45
C ASP A 212 -21.89 8.10 12.56
N ARG A 213 -22.97 8.85 12.74
CA ARG A 213 -23.93 8.51 13.80
C ARG A 213 -24.38 7.07 13.66
N GLY A 214 -24.35 6.31 14.73
CA GLY A 214 -24.80 4.93 14.67
C GLY A 214 -23.63 3.94 14.60
N ASN A 215 -22.37 4.41 14.45
CA ASN A 215 -21.21 3.49 14.31
C ASN A 215 -20.31 3.34 15.47
N LEU A 216 -20.71 3.79 16.66
CA LEU A 216 -19.80 3.65 17.77
C LEU A 216 -19.50 2.25 18.10
N ASP A 217 -20.44 1.35 17.75
CA ASP A 217 -20.22 -0.10 17.96
C ASP A 217 -19.04 -0.70 17.12
N ARG A 218 -18.66 0.02 16.08
CA ARG A 218 -17.62 -0.41 15.20
C ARG A 218 -16.30 0.31 15.42
N ALA A 219 -16.22 1.14 16.44
CA ALA A 219 -14.98 1.93 16.70
C ALA A 219 -13.95 1.39 17.68
N PRO A 220 -14.30 0.53 18.64
CA PRO A 220 -13.27 0.21 19.63
C PRO A 220 -12.02 -0.49 19.16
N TRP A 221 -12.11 -1.34 18.13
CA TRP A 221 -10.87 -2.00 17.71
C TRP A 221 -9.83 -0.92 17.17
N ALA A 222 -10.33 0.07 16.43
CA ALA A 222 -9.44 1.11 15.86
C ALA A 222 -8.82 1.93 16.99
N MET A 223 -9.63 2.21 18.03
CA MET A 223 -9.11 2.89 19.23
C MET A 223 -8.06 2.08 19.95
N THR A 224 -8.35 0.77 20.13
CA THR A 224 -7.38 -0.12 20.67
C THR A 224 -6.06 -0.15 19.89
N SER A 225 -6.19 -0.22 18.57
CA SER A 225 -4.99 -0.20 17.68
C SER A 225 -4.18 1.08 17.77
N LEU A 226 -4.88 2.21 17.95
CA LEU A 226 -4.21 3.48 18.15
C LEU A 226 -3.37 3.46 19.40
N LYS A 227 -3.96 3.01 20.53
CA LYS A 227 -3.16 2.86 21.75
C LYS A 227 -2.02 1.86 21.58
N ASN A 228 -2.28 0.74 20.89
CA ASN A 228 -1.21 -0.21 20.63
C ASN A 228 -0.08 0.42 19.83
N SER A 229 -0.45 1.24 18.83
CA SER A 229 0.55 1.94 17.98
C SER A 229 1.38 2.93 18.79
N MET A 230 0.73 3.63 19.71
CA MET A 230 1.45 4.61 20.51
C MET A 230 2.43 3.93 21.43
N LYS A 231 1.97 2.87 22.06
CA LYS A 231 2.84 2.09 22.94
C LYS A 231 3.99 1.46 22.21
N TRP A 232 3.71 0.89 21.02
CA TRP A 232 4.81 0.32 20.28
C TRP A 232 5.86 1.31 19.83
N ASP A 233 5.43 2.49 19.37
CA ASP A 233 6.40 3.42 18.91
C ASP A 233 7.33 3.87 20.06
N GLU A 234 6.78 3.95 21.28
CA GLU A 234 7.58 4.19 22.47
C GLU A 234 8.57 3.05 22.76
N GLU A 235 8.10 1.80 22.75
CA GLU A 235 8.94 0.67 23.07
C GLU A 235 10.01 0.40 22.01
N ARG A 236 9.62 0.41 20.77
CA ARG A 236 10.55 0.03 19.73
C ARG A 236 11.43 1.16 19.22
N PHE A 237 10.84 2.34 19.00
CA PHE A 237 11.58 3.47 18.45
C PHE A 237 11.88 4.60 19.43
N GLY A 238 11.32 4.54 20.62
CA GLY A 238 11.60 5.56 21.61
C GLY A 238 10.84 6.86 21.32
N LEU A 239 9.77 6.78 20.55
CA LEU A 239 9.00 7.99 20.12
C LEU A 239 7.70 8.11 20.83
N GLU A 240 7.41 9.33 21.36
CA GLU A 240 6.16 9.64 21.95
C GLU A 240 5.33 10.62 21.11
N TYR A 241 4.01 10.58 21.25
CA TYR A 241 3.19 11.63 20.65
C TYR A 241 3.48 12.99 21.31
N ASP A 242 3.29 14.05 20.53
CA ASP A 242 3.86 15.37 20.82
C ASP A 242 2.79 16.49 21.04
N LEU A 243 1.52 16.08 20.92
CA LEU A 243 0.37 16.92 21.09
C LEU A 243 -0.57 16.39 22.16
N ASP A 244 -1.63 17.15 22.37
CA ASP A 244 -2.56 16.95 23.49
C ASP A 244 -3.78 16.16 23.12
N ILE A 245 -4.14 16.19 21.83
CA ILE A 245 -5.33 15.54 21.33
C ILE A 245 -4.85 14.77 20.06
N TYR A 246 -5.40 13.60 19.87
CA TYR A 246 -5.22 12.77 18.66
C TYR A 246 -6.63 12.48 18.15
N MET A 247 -6.99 13.14 17.04
CA MET A 247 -8.29 12.98 16.38
C MET A 247 -8.15 12.12 15.13
N ILE A 248 -9.09 11.21 14.97
CA ILE A 248 -9.27 10.42 13.77
C ILE A 248 -10.71 10.59 13.32
N VAL A 249 -10.94 10.83 12.04
CA VAL A 249 -12.27 10.97 11.54
C VAL A 249 -12.43 9.90 10.41
N ALA A 250 -13.45 9.06 10.51
CA ALA A 250 -13.76 8.02 9.51
C ALA A 250 -14.73 8.53 8.49
N VAL A 251 -14.32 8.61 7.21
CA VAL A 251 -15.21 9.12 6.16
C VAL A 251 -15.39 8.07 5.10
N ASP A 252 -16.57 8.05 4.46
CA ASP A 252 -16.90 6.96 3.54
C ASP A 252 -16.38 7.22 2.15
N PHE A 253 -16.11 8.47 1.83
CA PHE A 253 -15.68 8.89 0.51
C PHE A 253 -14.22 9.37 0.62
N PHE A 254 -13.30 8.53 0.11
CA PHE A 254 -11.90 8.79 0.24
C PHE A 254 -11.15 8.00 -0.84
N ASN A 255 -10.20 8.65 -1.51
CA ASN A 255 -9.48 8.04 -2.58
C ASN A 255 -8.43 7.00 -2.23
N MET A 256 -7.84 7.09 -1.03
CA MET A 256 -6.83 6.08 -0.60
C MET A 256 -7.25 5.44 0.68
N GLY A 257 -6.32 5.09 1.52
CA GLY A 257 -6.63 4.40 2.75
C GLY A 257 -6.81 5.39 3.90
N ALA A 258 -5.87 6.29 4.07
CA ALA A 258 -6.03 7.22 5.22
C ALA A 258 -5.00 8.32 5.03
N MET A 259 -4.92 9.29 5.94
CA MET A 259 -4.03 10.41 5.80
C MET A 259 -3.56 10.96 7.16
N GLU A 260 -2.26 11.21 7.27
CA GLU A 260 -1.61 11.49 8.53
C GLU A 260 -1.65 12.98 8.95
N ASN A 261 -2.71 13.74 8.62
CA ASN A 261 -2.72 15.19 8.94
C ASN A 261 -2.43 15.33 10.44
N LYS A 262 -1.57 16.27 10.79
CA LYS A 262 -1.06 16.40 12.18
C LYS A 262 -2.20 16.53 13.18
N GLY A 263 -2.29 15.57 14.11
CA GLY A 263 -3.34 15.60 15.12
C GLY A 263 -4.75 15.42 14.69
N LEU A 264 -4.98 15.25 13.37
CA LEU A 264 -6.29 15.09 12.83
C LEU A 264 -6.21 14.21 11.59
N ASN A 265 -6.04 12.92 11.80
CA ASN A 265 -5.98 11.98 10.68
C ASN A 265 -7.39 11.83 10.11
N ILE A 266 -7.52 11.72 8.77
CA ILE A 266 -8.77 11.43 8.11
C ILE A 266 -8.57 10.06 7.46
N PHE A 267 -9.45 9.12 7.81
CA PHE A 267 -9.34 7.71 7.41
C PHE A 267 -10.49 7.36 6.48
N ASN A 268 -10.20 6.56 5.45
CA ASN A 268 -11.26 5.79 4.80
C ASN A 268 -11.92 4.88 5.87
N SER A 269 -13.25 4.90 5.94
CA SER A 269 -13.92 4.12 6.98
CA SER A 269 -14.00 4.10 6.91
C SER A 269 -13.61 2.65 6.86
N LYS A 270 -13.15 2.22 5.71
CA LYS A 270 -12.71 0.84 5.58
C LYS A 270 -11.58 0.46 6.50
N TYR A 271 -10.77 1.41 6.91
CA TYR A 271 -9.69 1.13 7.81
C TYR A 271 -9.94 1.68 9.20
N VAL A 272 -11.20 1.78 9.57
CA VAL A 272 -11.61 2.11 10.93
C VAL A 272 -12.67 1.12 11.45
N LEU A 273 -13.76 0.93 10.71
CA LEU A 273 -14.98 0.32 11.26
C LEU A 273 -14.88 -1.20 11.25
N ALA A 274 -15.09 -1.83 12.41
CA ALA A 274 -15.02 -3.31 12.47
C ALA A 274 -15.92 -3.82 13.60
N ARG A 275 -16.68 -4.88 13.32
CA ARG A 275 -17.47 -5.63 14.32
C ARG A 275 -17.30 -7.09 13.85
N THR A 276 -17.44 -8.10 14.72
CA THR A 276 -17.09 -9.47 14.34
C THR A 276 -18.03 -10.04 13.23
N ASP A 277 -19.21 -9.47 13.10
CA ASP A 277 -20.16 -9.91 12.06
C ASP A 277 -20.00 -9.18 10.69
N THR A 278 -19.17 -8.13 10.66
CA THR A 278 -19.00 -7.27 9.50
C THR A 278 -17.56 -7.33 8.95
N ALA A 279 -16.59 -7.76 9.75
CA ALA A 279 -15.19 -7.60 9.41
C ALA A 279 -14.50 -8.91 9.58
N THR A 280 -13.53 -9.22 8.67
CA THR A 280 -12.76 -10.46 8.77
C THR A 280 -11.49 -10.27 9.59
N ASP A 281 -10.81 -11.38 9.86
CA ASP A 281 -9.50 -11.31 10.51
C ASP A 281 -8.56 -10.35 9.77
N LYS A 282 -8.59 -10.43 8.46
CA LYS A 282 -7.73 -9.61 7.60
C LYS A 282 -8.13 -8.12 7.75
N ASP A 283 -9.42 -7.81 7.79
CA ASP A 283 -9.86 -6.45 8.04
C ASP A 283 -9.30 -5.94 9.39
N TYR A 284 -9.42 -6.74 10.46
CA TYR A 284 -8.90 -6.31 11.77
C TYR A 284 -7.42 -5.99 11.65
N LEU A 285 -6.67 -6.88 11.02
CA LEU A 285 -5.24 -6.71 10.90
C LEU A 285 -4.86 -5.51 9.96
N ASP A 286 -5.68 -5.25 8.94
CA ASP A 286 -5.47 -4.10 8.08
C ASP A 286 -5.78 -2.79 8.85
N ILE A 287 -6.84 -2.81 9.68
CA ILE A 287 -7.11 -1.64 10.52
C ILE A 287 -5.89 -1.36 11.40
N GLU A 288 -5.39 -2.40 12.04
CA GLU A 288 -4.24 -2.29 12.86
C GLU A 288 -3.07 -1.68 12.10
N ARG A 289 -2.79 -2.21 10.92
CA ARG A 289 -1.67 -1.72 10.10
C ARG A 289 -1.80 -0.22 9.71
N VAL A 290 -2.99 0.17 9.26
CA VAL A 290 -3.23 1.51 8.72
C VAL A 290 -3.32 2.55 9.85
N ILE A 291 -3.96 2.18 10.95
CA ILE A 291 -3.96 3.00 12.17
C ILE A 291 -2.51 3.21 12.53
N GLY A 292 -1.75 2.14 12.63
CA GLY A 292 -0.34 2.28 12.96
C GLY A 292 0.40 3.18 11.98
N HIS A 293 0.26 2.84 10.71
CA HIS A 293 0.90 3.60 9.66
C HIS A 293 0.72 5.11 9.81
N GLU A 294 -0.52 5.58 9.88
CA GLU A 294 -0.75 7.03 10.00
C GLU A 294 -0.10 7.58 11.29
N TYR A 295 -0.20 6.83 12.38
CA TYR A 295 0.39 7.21 13.61
C TYR A 295 1.87 7.34 13.48
N PHE A 296 2.54 6.36 12.87
CA PHE A 296 3.96 6.41 12.65
C PHE A 296 4.47 7.57 11.84
N HIS A 297 3.66 8.06 10.93
CA HIS A 297 4.01 9.24 10.17
C HIS A 297 4.17 10.48 11.05
N ASN A 298 3.63 10.48 12.29
CA ASN A 298 3.76 11.66 13.11
C ASN A 298 5.21 12.07 13.24
N TRP A 299 6.12 11.08 13.33
CA TRP A 299 7.55 11.34 13.30
C TRP A 299 8.09 11.22 11.90
N THR A 300 7.83 10.10 11.21
CA THR A 300 8.42 9.84 9.91
C THR A 300 7.49 10.36 8.84
N GLY A 301 7.54 11.69 8.65
CA GLY A 301 6.69 12.41 7.70
C GLY A 301 6.24 13.78 8.22
N ASN A 302 5.93 13.88 9.51
CA ASN A 302 5.41 15.17 10.05
C ASN A 302 6.50 15.97 10.79
N ARG A 303 7.04 15.41 11.88
CA ARG A 303 8.17 16.08 12.57
C ARG A 303 9.37 16.22 11.64
N VAL A 304 9.62 15.24 10.75
CA VAL A 304 10.54 15.41 9.64
C VAL A 304 9.75 15.10 8.39
N THR A 305 9.65 16.11 7.52
CA THR A 305 8.82 16.05 6.32
C THR A 305 9.73 15.93 5.08
N CYS A 306 9.14 16.02 3.91
CA CYS A 306 9.81 15.90 2.61
C CYS A 306 10.13 17.26 1.98
N ARG A 307 11.36 17.45 1.57
CA ARG A 307 11.79 18.65 0.84
C ARG A 307 10.99 18.88 -0.44
N ASP A 308 10.66 17.84 -1.17
CA ASP A 308 9.96 17.91 -2.42
C ASP A 308 9.34 16.54 -2.65
N TRP A 309 8.42 16.43 -3.59
CA TRP A 309 7.67 15.20 -3.76
C TRP A 309 8.43 14.04 -4.36
N PHE A 310 9.55 14.32 -5.01
CA PHE A 310 10.40 13.25 -5.45
C PHE A 310 10.98 12.49 -4.25
N GLN A 311 11.02 13.12 -3.06
CA GLN A 311 11.48 12.46 -1.82
C GLN A 311 10.37 11.66 -1.04
N LEU A 312 9.24 11.39 -1.69
CA LEU A 312 8.14 10.77 -1.05
C LEU A 312 8.51 9.49 -0.28
N SER A 313 9.34 8.62 -0.84
CA SER A 313 9.75 7.41 -0.14
C SER A 313 10.47 7.65 1.15
N LEU A 314 11.05 8.84 1.33
CA LEU A 314 11.67 9.20 2.64
C LEU A 314 10.68 8.93 3.81
N LYS A 315 9.45 9.35 3.60
CA LYS A 315 8.42 9.09 4.56
C LYS A 315 7.64 7.80 4.29
N GLU A 316 7.39 7.45 3.03
CA GLU A 316 6.54 6.31 2.78
C GLU A 316 7.26 4.95 2.95
N GLY A 317 8.47 4.82 2.48
CA GLY A 317 9.22 3.59 2.64
C GLY A 317 9.47 3.36 4.12
N LEU A 318 9.87 4.44 4.83
CA LEU A 318 10.21 4.34 6.21
C LEU A 318 8.99 4.03 7.06
N THR A 319 7.86 4.67 6.75
CA THR A 319 6.62 4.44 7.52
C THR A 319 5.98 3.07 7.23
N VAL A 320 6.06 2.63 5.97
CA VAL A 320 5.69 1.24 5.69
C VAL A 320 6.59 0.23 6.41
N PHE A 321 7.88 0.47 6.45
CA PHE A 321 8.73 -0.37 7.23
C PHE A 321 8.29 -0.41 8.70
N ARG A 322 8.02 0.77 9.25
CA ARG A 322 7.51 0.84 10.59
C ARG A 322 6.19 0.08 10.78
N ASP A 323 5.20 0.27 9.90
CA ASP A 323 3.93 -0.44 10.07
C ASP A 323 4.14 -1.97 9.95
N GLN A 324 5.12 -2.40 9.15
CA GLN A 324 5.37 -3.83 9.06
C GLN A 324 6.04 -4.38 10.33
N GLU A 325 7.00 -3.62 10.84
CA GLU A 325 7.67 -3.97 12.10
C GLU A 325 6.67 -4.05 13.31
N PHE A 326 5.70 -3.16 13.32
CA PHE A 326 4.61 -3.08 14.30
C PHE A 326 3.77 -4.36 14.20
N SER A 327 3.26 -4.61 12.99
CA SER A 327 2.46 -5.82 12.76
C SER A 327 3.21 -7.06 13.12
N SER A 328 4.45 -7.10 12.72
CA SER A 328 5.31 -8.26 12.91
C SER A 328 5.64 -8.50 14.39
N ASP A 329 5.90 -7.45 15.13
CA ASP A 329 6.16 -7.54 16.54
C ASP A 329 4.88 -7.97 17.26
N LEU A 330 3.71 -7.39 17.00
CA LEU A 330 2.51 -7.75 17.76
C LEU A 330 1.95 -9.09 17.34
N GLY A 331 2.14 -9.45 16.06
CA GLY A 331 1.50 -10.68 15.50
C GLY A 331 2.54 -11.72 15.14
N SER A 332 2.30 -12.43 14.05
CA SER A 332 3.25 -13.45 13.58
C SER A 332 4.26 -12.78 12.65
N ARG A 333 5.52 -12.69 13.03
CA ARG A 333 6.48 -12.07 12.14
C ARG A 333 6.56 -12.89 10.78
N ALA A 334 6.52 -14.19 10.85
CA ALA A 334 6.62 -14.98 9.62
C ALA A 334 5.48 -14.75 8.68
N VAL A 335 4.26 -14.70 9.17
CA VAL A 335 3.16 -14.46 8.28
C VAL A 335 3.24 -13.05 7.66
N ASN A 336 3.57 -12.05 8.48
CA ASN A 336 3.80 -10.69 7.91
C ASN A 336 4.82 -10.66 6.77
N ARG A 337 5.95 -11.33 6.99
CA ARG A 337 7.05 -11.27 6.07
C ARG A 337 6.60 -12.00 4.80
N ILE A 338 6.00 -13.17 4.97
CA ILE A 338 5.45 -13.91 3.86
C ILE A 338 4.53 -13.04 3.01
N ASN A 339 3.56 -12.41 3.62
CA ASN A 339 2.61 -11.63 2.88
C ASN A 339 3.23 -10.39 2.22
N ASN A 340 4.17 -9.75 2.89
CA ASN A 340 4.84 -8.63 2.27
C ASN A 340 5.70 -9.07 1.07
N VAL A 341 6.27 -10.26 1.14
CA VAL A 341 7.01 -10.82 0.03
C VAL A 341 6.10 -11.17 -1.16
N ARG A 342 4.93 -11.74 -0.87
CA ARG A 342 3.96 -11.98 -1.89
CA ARG A 342 3.91 -11.98 -1.88
C ARG A 342 3.60 -10.69 -2.63
N THR A 343 3.42 -9.61 -1.90
CA THR A 343 3.16 -8.32 -2.52
C THR A 343 4.28 -7.88 -3.39
N MET A 344 5.49 -8.01 -2.90
CA MET A 344 6.65 -7.57 -3.66
C MET A 344 6.76 -8.36 -4.98
N ARG A 345 6.77 -9.67 -4.87
CA ARG A 345 7.02 -10.52 -6.06
C ARG A 345 5.87 -10.54 -7.03
N GLY A 346 4.66 -10.45 -6.53
CA GLY A 346 3.53 -10.45 -7.40
C GLY A 346 2.87 -9.18 -7.91
N LEU A 347 3.02 -8.08 -7.21
CA LEU A 347 2.44 -6.80 -7.59
C LEU A 347 3.54 -5.79 -7.87
N GLN A 348 4.55 -5.69 -7.00
CA GLN A 348 5.57 -4.65 -7.23
C GLN A 348 6.50 -4.98 -8.37
N PHE A 349 6.98 -6.20 -8.44
CA PHE A 349 7.81 -6.66 -9.57
C PHE A 349 7.11 -6.36 -10.90
N ALA A 350 5.82 -6.56 -10.96
CA ALA A 350 5.05 -6.29 -12.18
C ALA A 350 5.11 -4.79 -12.52
N GLU A 351 5.04 -3.91 -11.51
CA GLU A 351 5.13 -2.52 -11.83
C GLU A 351 6.54 -2.18 -12.33
N ASP A 352 7.56 -2.75 -11.67
CA ASP A 352 8.95 -2.52 -12.08
C ASP A 352 9.30 -3.06 -13.50
N ALA A 353 8.43 -3.88 -14.05
CA ALA A 353 8.56 -4.35 -15.41
C ALA A 353 7.59 -3.65 -16.36
N SER A 354 6.93 -2.55 -15.93
CA SER A 354 5.88 -1.92 -16.69
C SER A 354 6.37 -0.61 -17.27
N PRO A 355 5.58 -0.03 -18.14
CA PRO A 355 5.87 1.33 -18.63
C PRO A 355 5.95 2.40 -17.54
N MET A 356 5.33 2.18 -16.38
CA MET A 356 5.34 3.14 -15.29
C MET A 356 6.50 2.89 -14.36
N ALA A 357 7.47 2.06 -14.73
CA ALA A 357 8.62 1.79 -13.82
C ALA A 357 9.34 3.05 -13.40
N HIS A 358 9.69 3.14 -12.09
CA HIS A 358 10.46 4.25 -11.57
C HIS A 358 11.28 3.84 -10.42
N PRO A 359 12.33 4.57 -10.14
CA PRO A 359 13.09 4.31 -8.91
C PRO A 359 12.25 4.71 -7.67
N ILE A 360 12.63 4.25 -6.48
CA ILE A 360 11.92 4.65 -5.27
C ILE A 360 11.96 6.15 -5.05
N ARG A 361 13.03 6.82 -5.53
CA ARG A 361 13.06 8.28 -5.59
C ARG A 361 12.93 8.63 -7.07
N PRO A 362 11.72 8.99 -7.54
CA PRO A 362 11.55 9.25 -8.96
C PRO A 362 12.35 10.47 -9.46
N ASP A 363 12.68 10.45 -10.76
CA ASP A 363 13.36 11.55 -11.40
C ASP A 363 12.47 12.44 -12.20
N MET A 364 11.34 11.93 -12.65
CA MET A 364 10.39 12.63 -13.51
C MET A 364 8.95 12.26 -13.13
N VAL A 365 8.12 13.32 -12.96
CA VAL A 365 6.76 13.19 -12.62
C VAL A 365 5.93 14.19 -13.40
N ILE A 366 4.82 13.72 -14.00
CA ILE A 366 3.81 14.59 -14.57
C ILE A 366 2.73 14.88 -13.57
N GLU A 367 2.12 13.85 -13.00
CA GLU A 367 1.10 14.02 -11.97
C GLU A 367 1.56 13.22 -10.74
N MET A 368 1.85 13.94 -9.67
CA MET A 368 2.45 13.34 -8.52
C MET A 368 1.51 12.37 -7.87
N ASN A 369 0.21 12.52 -8.04
CA ASN A 369 -0.69 11.49 -7.48
C ASN A 369 -0.56 10.13 -8.13
N ASN A 370 0.11 10.05 -9.28
CA ASN A 370 0.50 8.73 -9.90
C ASN A 370 1.68 8.03 -9.27
N PHE A 371 2.37 8.62 -8.30
CA PHE A 371 3.54 8.07 -7.69
C PHE A 371 3.36 7.64 -6.24
N TYR A 372 2.11 7.44 -5.84
CA TYR A 372 1.81 6.78 -4.55
C TYR A 372 1.76 5.29 -4.84
N THR A 373 2.93 4.70 -5.08
CA THR A 373 3.02 3.41 -5.71
C THR A 373 3.55 2.26 -4.85
N LEU A 374 3.26 1.04 -5.32
CA LEU A 374 3.95 -0.15 -4.79
C LEU A 374 5.42 0.02 -4.71
N THR A 375 6.02 0.69 -5.72
CA THR A 375 7.42 0.92 -5.69
C THR A 375 7.79 1.85 -4.55
N VAL A 376 7.19 3.03 -4.55
CA VAL A 376 7.57 4.04 -3.50
C VAL A 376 7.34 3.55 -2.05
N TYR A 377 6.26 2.83 -1.89
CA TYR A 377 5.84 2.29 -0.56
C TYR A 377 6.53 0.95 -0.24
N GLU A 378 6.20 -0.08 -0.99
CA GLU A 378 6.68 -1.45 -0.64
CA GLU A 378 6.64 -1.47 -0.67
C GLU A 378 8.10 -1.72 -1.00
N LYS A 379 8.51 -1.35 -2.23
CA LYS A 379 9.93 -1.44 -2.53
C LYS A 379 10.72 -0.46 -1.64
N GLY A 380 10.16 0.74 -1.39
CA GLY A 380 10.76 1.64 -0.42
C GLY A 380 11.07 1.04 0.92
N ALA A 381 10.09 0.33 1.41
CA ALA A 381 10.25 -0.37 2.69
C ALA A 381 11.27 -1.45 2.63
N GLU A 382 11.32 -2.19 1.51
CA GLU A 382 12.44 -3.21 1.36
C GLU A 382 13.81 -2.55 1.37
N VAL A 383 13.93 -1.33 0.80
CA VAL A 383 15.16 -0.61 0.87
C VAL A 383 15.57 -0.23 2.32
N ILE A 384 14.63 0.29 3.08
CA ILE A 384 14.86 0.57 4.48
C ILE A 384 15.23 -0.73 5.22
N ARG A 385 14.50 -1.82 4.92
CA ARG A 385 14.84 -3.12 5.58
C ARG A 385 16.24 -3.61 5.18
N MET A 386 16.69 -3.32 3.97
CA MET A 386 18.09 -3.63 3.62
C MET A 386 19.10 -2.86 4.48
N ILE A 387 18.80 -1.58 4.71
CA ILE A 387 19.60 -0.77 5.65
C ILE A 387 19.64 -1.43 7.01
N HIS A 388 18.47 -1.85 7.49
CA HIS A 388 18.36 -2.56 8.79
C HIS A 388 19.17 -3.84 8.78
N THR A 389 19.13 -4.59 7.68
CA THR A 389 19.91 -5.80 7.57
C THR A 389 21.41 -5.53 7.62
N LEU A 390 21.85 -4.50 6.93
CA LEU A 390 23.21 -4.14 6.90
C LEU A 390 23.70 -3.62 8.21
N LEU A 391 22.88 -2.88 8.93
CA LEU A 391 23.34 -2.20 10.17
C LEU A 391 23.09 -2.95 11.42
N GLY A 392 22.04 -3.73 11.46
CA GLY A 392 21.57 -4.33 12.72
C GLY A 392 20.68 -3.35 13.46
N GLU A 393 19.82 -3.87 14.32
CA GLU A 393 18.86 -3.08 15.06
C GLU A 393 19.49 -1.89 15.82
N GLU A 394 20.52 -2.15 16.57
CA GLU A 394 21.09 -1.13 17.43
C GLU A 394 21.64 0.03 16.56
N ASN A 395 22.44 -0.26 15.53
CA ASN A 395 22.93 0.81 14.71
C ASN A 395 21.81 1.50 13.94
N PHE A 396 20.81 0.76 13.52
CA PHE A 396 19.69 1.33 12.77
C PHE A 396 18.97 2.35 13.67
N GLN A 397 18.78 2.00 14.91
CA GLN A 397 18.15 2.96 15.87
C GLN A 397 19.03 4.16 16.14
N LYS A 398 20.34 3.95 16.21
CA LYS A 398 21.22 5.09 16.29
C LYS A 398 21.08 6.01 15.07
N GLY A 399 20.93 5.42 13.90
CA GLY A 399 20.64 6.19 12.77
C GLY A 399 19.33 6.96 12.79
N MET A 400 18.28 6.32 13.27
CA MET A 400 17.00 6.98 13.42
C MET A 400 17.17 8.20 14.37
N GLN A 401 17.93 8.00 15.46
CA GLN A 401 18.13 9.05 16.48
C GLN A 401 18.90 10.23 15.85
N LEU A 402 19.88 9.92 15.01
CA LEU A 402 20.65 10.99 14.37
C LEU A 402 19.83 11.70 13.32
N TYR A 403 19.02 10.96 12.59
CA TYR A 403 18.12 11.57 11.61
C TYR A 403 17.18 12.63 12.24
N PHE A 404 16.55 12.24 13.31
CA PHE A 404 15.68 13.17 14.03
C PHE A 404 16.45 14.31 14.69
N GLU A 405 17.62 14.03 15.23
CA GLU A 405 18.37 15.09 15.83
C GLU A 405 18.73 16.13 14.81
N ARG A 406 19.12 15.72 13.62
CA ARG A 406 19.50 16.67 12.57
C ARG A 406 18.31 17.32 11.94
N HIS A 407 17.21 16.60 11.75
CA HIS A 407 16.19 17.09 10.85
C HIS A 407 14.82 17.40 11.44
N ASP A 408 14.64 17.17 12.75
CA ASP A 408 13.40 17.48 13.46
C ASP A 408 13.03 18.92 13.17
N GLY A 409 11.82 19.11 12.73
CA GLY A 409 11.29 20.46 12.41
C GLY A 409 11.60 20.96 11.00
N SER A 410 12.10 20.10 10.14
CA SER A 410 12.43 20.51 8.79
C SER A 410 11.97 19.51 7.75
N ALA A 411 12.15 19.89 6.48
CA ALA A 411 11.85 19.06 5.31
C ALA A 411 13.17 18.47 4.85
N ALA A 412 13.30 17.18 4.72
CA ALA A 412 14.56 16.58 4.35
C ALA A 412 14.49 15.73 3.08
N THR A 413 15.60 15.10 2.74
CA THR A 413 15.69 14.29 1.51
C THR A 413 16.02 12.82 1.87
N CYS A 414 15.73 11.95 0.92
CA CYS A 414 16.20 10.56 1.00
C CYS A 414 17.66 10.48 1.28
N ASP A 415 18.44 11.30 0.58
CA ASP A 415 19.89 11.35 0.83
C ASP A 415 20.28 11.72 2.24
N ASP A 416 19.55 12.65 2.88
CA ASP A 416 19.80 13.00 4.28
C ASP A 416 19.60 11.82 5.21
N PHE A 417 18.57 11.02 4.95
CA PHE A 417 18.30 9.85 5.73
C PHE A 417 19.41 8.80 5.63
N VAL A 418 19.83 8.53 4.40
CA VAL A 418 20.90 7.58 4.21
C VAL A 418 22.18 8.06 4.91
N GLN A 419 22.45 9.35 4.80
CA GLN A 419 23.59 9.92 5.43
C GLN A 419 23.55 9.79 6.95
N ALA A 420 22.40 10.02 7.58
CA ALA A 420 22.24 9.80 9.01
C ALA A 420 22.56 8.36 9.39
N MET A 421 22.06 7.41 8.60
CA MET A 421 22.32 6.02 8.89
C MET A 421 23.80 5.67 8.79
N GLU A 422 24.45 6.13 7.75
CA GLU A 422 25.85 5.91 7.51
C GLU A 422 26.68 6.55 8.62
N ASP A 423 26.41 7.81 8.95
CA ASP A 423 27.22 8.50 9.93
C ASP A 423 27.02 7.90 11.31
N ALA A 424 25.81 7.47 11.70
CA ALA A 424 25.61 6.96 13.04
C ALA A 424 26.24 5.58 13.21
N SER A 425 26.20 4.81 12.15
CA SER A 425 26.68 3.43 12.17
C SER A 425 28.10 3.18 11.78
N ASN A 426 28.68 4.09 11.03
CA ASN A 426 29.95 3.87 10.43
C ASN A 426 29.89 2.79 9.37
N VAL A 427 28.71 2.46 8.83
CA VAL A 427 28.67 1.55 7.65
C VAL A 427 28.60 2.39 6.39
N ASP A 428 29.45 2.08 5.42
CA ASP A 428 29.51 2.81 4.17
C ASP A 428 28.30 2.43 3.30
N LEU A 429 27.46 3.44 3.09
CA LEU A 429 26.26 3.34 2.24
C LEU A 429 26.36 4.12 0.92
N SER A 430 27.59 4.47 0.46
CA SER A 430 27.73 5.17 -0.80
CA SER A 430 27.73 5.19 -0.79
C SER A 430 27.22 4.40 -1.99
N HIS A 431 27.61 3.16 -2.10
CA HIS A 431 27.11 2.34 -3.20
C HIS A 431 25.61 2.04 -3.01
N PHE A 432 25.24 1.79 -1.77
CA PHE A 432 23.86 1.40 -1.44
C PHE A 432 22.84 2.45 -1.96
N ARG A 433 23.25 3.71 -1.96
CA ARG A 433 22.44 4.81 -2.45
C ARG A 433 21.89 4.58 -3.85
N ARG A 434 22.58 3.78 -4.67
CA ARG A 434 22.06 3.47 -6.00
C ARG A 434 20.68 2.82 -6.01
N TRP A 435 20.28 2.20 -4.87
CA TRP A 435 18.91 1.70 -4.79
C TRP A 435 17.85 2.77 -4.90
N TYR A 436 18.22 4.01 -4.57
CA TYR A 436 17.27 5.15 -4.71
C TYR A 436 17.10 5.66 -6.12
N SER A 437 18.12 5.48 -6.96
CA SER A 437 18.16 6.04 -8.28
CA SER A 437 18.23 6.03 -8.30
C SER A 437 17.93 5.07 -9.41
N GLN A 438 17.86 3.73 -9.12
CA GLN A 438 17.76 2.75 -10.22
C GLN A 438 16.49 2.00 -10.12
N SER A 439 15.74 1.95 -11.22
CA SER A 439 14.47 1.25 -11.27
C SER A 439 14.73 -0.19 -11.70
N GLY A 440 13.71 -1.00 -11.70
CA GLY A 440 13.77 -2.36 -12.18
C GLY A 440 14.19 -3.37 -11.11
N THR A 441 13.84 -4.61 -11.31
CA THR A 441 14.16 -5.66 -10.38
C THR A 441 15.50 -6.36 -10.73
N PRO A 442 16.48 -6.35 -9.85
CA PRO A 442 17.70 -7.12 -10.10
C PRO A 442 17.45 -8.61 -10.07
N ILE A 443 18.19 -9.27 -10.92
CA ILE A 443 18.21 -10.75 -10.99
C ILE A 443 19.52 -11.25 -10.46
N VAL A 444 19.48 -12.10 -9.43
CA VAL A 444 20.69 -12.56 -8.85
C VAL A 444 20.80 -14.05 -9.18
N THR A 445 21.91 -14.42 -9.82
CA THR A 445 22.14 -15.82 -10.28
C THR A 445 23.21 -16.39 -9.37
N VAL A 446 22.92 -17.55 -8.80
CA VAL A 446 23.84 -18.23 -7.93
C VAL A 446 24.19 -19.63 -8.51
N LYS A 447 25.46 -19.93 -8.50
CA LYS A 447 26.03 -21.29 -8.82
C LYS A 447 26.90 -21.70 -7.68
N ASP A 448 26.93 -22.99 -7.40
CA ASP A 448 27.66 -23.47 -6.28
C ASP A 448 28.58 -24.63 -6.61
N ASP A 449 29.52 -24.85 -5.70
CA ASP A 449 30.47 -25.97 -5.88
C ASP A 449 30.89 -26.44 -4.53
N TYR A 450 30.82 -27.74 -4.29
CA TYR A 450 31.41 -28.34 -3.12
C TYR A 450 32.65 -29.14 -3.44
N ASN A 451 33.75 -28.84 -2.72
CA ASN A 451 35.02 -29.51 -2.90
C ASN A 451 35.30 -30.41 -1.69
N PRO A 452 35.09 -31.73 -1.87
CA PRO A 452 35.24 -32.66 -0.72
C PRO A 452 36.72 -32.81 -0.30
N GLU A 453 37.61 -32.61 -1.23
CA GLU A 453 39.03 -32.65 -0.91
C GLU A 453 39.45 -31.53 0.05
N THR A 454 38.94 -30.31 -0.14
CA THR A 454 39.29 -29.20 0.73
C THR A 454 38.27 -28.81 1.74
N GLU A 455 37.09 -29.45 1.70
CA GLU A 455 35.97 -29.06 2.54
C GLU A 455 35.62 -27.57 2.38
N GLN A 456 35.57 -27.15 1.14
CA GLN A 456 35.23 -25.76 0.77
C GLN A 456 34.00 -25.74 -0.07
N TYR A 457 33.14 -24.76 0.21
CA TYR A 457 31.93 -24.55 -0.56
C TYR A 457 32.07 -23.16 -1.16
N THR A 458 31.91 -23.09 -2.47
CA THR A 458 31.99 -21.87 -3.25
C THR A 458 30.66 -21.45 -3.85
N LEU A 459 30.23 -20.20 -3.55
CA LEU A 459 29.15 -19.56 -4.24
C LEU A 459 29.64 -18.53 -5.21
N THR A 460 29.21 -18.67 -6.46
CA THR A 460 29.46 -17.70 -7.51
C THR A 460 28.15 -16.99 -7.76
N ILE A 461 28.14 -15.71 -7.41
CA ILE A 461 26.91 -14.88 -7.45
C ILE A 461 27.08 -13.77 -8.47
N SER A 462 26.08 -13.63 -9.31
CA SER A 462 26.12 -12.59 -10.32
CA SER A 462 26.07 -12.68 -10.42
C SER A 462 24.82 -11.83 -10.26
N GLN A 463 24.84 -10.58 -10.71
CA GLN A 463 23.66 -9.71 -10.71
C GLN A 463 23.57 -8.96 -12.00
N ARG A 464 22.35 -8.76 -12.41
CA ARG A 464 22.03 -7.87 -13.55
CA ARG A 464 22.09 -7.78 -13.47
C ARG A 464 20.67 -7.24 -13.29
N THR A 465 20.45 -6.04 -13.76
CA THR A 465 19.09 -5.50 -13.81
C THR A 465 18.81 -5.23 -15.27
N PRO A 466 17.74 -5.80 -15.82
CA PRO A 466 17.42 -5.53 -17.21
C PRO A 466 17.08 -4.06 -17.39
N ALA A 467 17.35 -3.51 -18.57
CA ALA A 467 16.90 -2.17 -18.84
C ALA A 467 15.39 -2.05 -18.60
N THR A 468 14.94 -0.84 -18.24
CA THR A 468 13.50 -0.54 -18.09
C THR A 468 13.17 0.62 -19.05
N PRO A 469 11.88 0.88 -19.25
CA PRO A 469 11.54 1.91 -20.24
C PRO A 469 12.01 3.31 -19.85
N ASP A 470 12.21 3.53 -18.56
CA ASP A 470 12.72 4.82 -18.06
C ASP A 470 14.22 4.95 -18.00
N GLN A 471 14.98 3.85 -18.07
CA GLN A 471 16.38 3.87 -17.87
C GLN A 471 17.11 2.87 -18.71
N ALA A 472 17.91 3.33 -19.66
CA ALA A 472 18.65 2.43 -20.50
C ALA A 472 19.92 1.95 -19.77
N GLU A 473 20.42 2.76 -18.84
CA GLU A 473 21.62 2.45 -18.13
C GLU A 473 21.34 1.80 -16.78
N LYS A 474 21.96 0.66 -16.51
CA LYS A 474 21.78 -0.02 -15.24
C LYS A 474 23.15 -0.38 -14.74
N GLN A 475 23.34 -0.39 -13.44
CA GLN A 475 24.60 -0.80 -12.83
C GLN A 475 24.39 -1.74 -11.69
N PRO A 476 25.49 -2.38 -11.21
CA PRO A 476 25.37 -3.24 -10.05
C PRO A 476 24.99 -2.48 -8.78
N LEU A 477 24.24 -3.16 -7.93
CA LEU A 477 23.77 -2.63 -6.66
C LEU A 477 24.47 -3.27 -5.50
N HIS A 478 24.36 -2.67 -4.32
CA HIS A 478 24.86 -3.25 -3.09
C HIS A 478 23.74 -4.11 -2.50
N ILE A 479 23.86 -5.41 -2.73
CA ILE A 479 22.81 -6.39 -2.44
C ILE A 479 23.19 -7.19 -1.21
N PRO A 480 22.49 -6.97 -0.09
CA PRO A 480 22.65 -7.84 1.05
C PRO A 480 22.01 -9.18 0.80
N PHE A 481 22.86 -10.21 0.79
CA PHE A 481 22.48 -11.56 0.36
C PHE A 481 22.69 -12.55 1.45
N ALA A 482 21.63 -12.83 2.21
CA ALA A 482 21.71 -13.61 3.45
C ALA A 482 21.64 -15.09 3.08
N ILE A 483 22.48 -15.88 3.71
CA ILE A 483 22.49 -17.32 3.44
C ILE A 483 22.52 -18.12 4.73
N GLU A 484 22.15 -19.39 4.66
CA GLU A 484 22.35 -20.39 5.71
CA GLU A 484 22.41 -20.37 5.71
C GLU A 484 22.70 -21.72 5.02
N LEU A 485 23.67 -22.47 5.53
CA LEU A 485 24.09 -23.76 4.97
C LEU A 485 23.69 -24.90 5.91
N TYR A 486 23.01 -25.93 5.39
CA TYR A 486 22.44 -27.00 6.19
C TYR A 486 23.17 -28.29 5.85
N ASP A 487 23.52 -29.03 6.89
CA ASP A 487 24.10 -30.35 6.69
C ASP A 487 22.99 -31.43 6.44
N ASN A 488 23.38 -32.71 6.36
CA ASN A 488 22.41 -33.77 6.03
C ASN A 488 21.45 -34.07 7.13
N GLU A 489 21.76 -33.62 8.32
CA GLU A 489 20.85 -33.73 9.42
C GLU A 489 19.98 -32.55 9.60
N GLY A 490 20.07 -31.51 8.77
CA GLY A 490 19.27 -30.29 9.07
C GLY A 490 19.90 -29.30 10.01
N LYS A 491 21.15 -29.46 10.34
CA LYS A 491 21.80 -28.52 11.24
C LYS A 491 22.55 -27.48 10.45
N VAL A 492 22.65 -26.30 11.04
CA VAL A 492 23.37 -25.22 10.45
C VAL A 492 24.88 -25.44 10.46
N ILE A 493 25.54 -25.30 9.33
CA ILE A 493 27.02 -25.39 9.24
C ILE A 493 27.53 -23.96 9.50
N PRO A 494 28.39 -23.79 10.51
CA PRO A 494 29.03 -22.45 10.73
C PRO A 494 29.77 -21.96 9.53
N LEU A 495 29.54 -20.68 9.22
CA LEU A 495 30.21 -20.07 8.11
C LEU A 495 31.53 -19.49 8.51
N GLN A 496 32.58 -19.86 7.82
CA GLN A 496 33.89 -19.40 8.20
C GLN A 496 34.80 -19.44 7.06
N LYS A 497 35.93 -18.73 7.17
CA LYS A 497 36.95 -18.77 6.19
C LYS A 497 38.33 -18.44 6.84
N GLY A 498 39.36 -19.24 6.57
CA GLY A 498 40.74 -18.95 7.05
C GLY A 498 40.75 -18.85 8.56
N GLY A 499 39.97 -19.68 9.22
CA GLY A 499 39.82 -19.65 10.68
C GLY A 499 39.01 -18.54 11.37
N HIS A 500 38.28 -17.71 10.61
CA HIS A 500 37.44 -16.64 11.21
C HIS A 500 36.00 -16.80 10.75
N PRO A 501 35.02 -16.55 11.61
CA PRO A 501 33.62 -16.53 11.16
C PRO A 501 33.40 -15.49 10.10
N VAL A 502 32.42 -15.77 9.24
CA VAL A 502 32.01 -14.93 8.16
C VAL A 502 30.56 -14.59 8.43
N ASN A 503 30.26 -13.33 8.28
CA ASN A 503 28.90 -12.87 8.46
C ASN A 503 27.99 -13.57 7.40
N SER A 504 26.82 -13.98 7.78
CA SER A 504 25.92 -14.71 6.87
C SER A 504 25.18 -13.78 5.89
N VAL A 505 25.29 -12.45 6.06
CA VAL A 505 24.82 -11.46 5.09
C VAL A 505 25.95 -11.13 4.16
N LEU A 506 25.93 -11.74 2.98
CA LEU A 506 27.01 -11.49 2.03
C LEU A 506 26.80 -10.13 1.34
N ASN A 507 27.89 -9.40 1.13
CA ASN A 507 27.84 -8.16 0.42
C ASN A 507 28.04 -8.40 -1.07
N VAL A 508 26.95 -8.54 -1.84
CA VAL A 508 27.03 -8.76 -3.23
C VAL A 508 27.05 -7.39 -3.88
N THR A 509 28.24 -6.90 -4.21
CA THR A 509 28.40 -5.55 -4.81
C THR A 509 28.89 -5.46 -6.24
N GLN A 510 29.23 -6.59 -6.84
CA GLN A 510 29.80 -6.62 -8.20
CA GLN A 510 29.83 -6.65 -8.18
C GLN A 510 28.88 -7.33 -9.13
N ALA A 511 29.16 -7.21 -10.43
CA ALA A 511 28.44 -7.97 -11.46
C ALA A 511 28.61 -9.45 -11.24
N GLU A 512 29.80 -9.84 -10.77
CA GLU A 512 30.07 -11.22 -10.49
C GLU A 512 31.12 -11.31 -9.41
N GLN A 513 30.93 -12.21 -8.48
CA GLN A 513 31.91 -12.43 -7.46
C GLN A 513 31.76 -13.83 -6.88
N THR A 514 32.80 -14.28 -6.22
CA THR A 514 32.82 -15.60 -5.62
CA THR A 514 32.78 -15.60 -5.60
C THR A 514 33.00 -15.47 -4.10
N PHE A 515 32.33 -16.30 -3.34
CA PHE A 515 32.53 -16.37 -1.90
C PHE A 515 32.88 -17.81 -1.56
N VAL A 516 33.90 -17.99 -0.76
CA VAL A 516 34.42 -19.33 -0.43
C VAL A 516 34.35 -19.52 1.06
N PHE A 517 33.77 -20.66 1.46
CA PHE A 517 33.63 -20.97 2.85
C PHE A 517 34.44 -22.25 3.14
N ASP A 518 35.11 -22.32 4.31
CA ASP A 518 36.03 -23.39 4.72
CA ASP A 518 35.88 -23.53 4.58
C ASP A 518 35.38 -24.22 5.78
N ASN A 519 35.96 -25.40 6.07
CA ASN A 519 35.42 -26.23 7.13
C ASN A 519 33.95 -26.57 6.90
N VAL A 520 33.62 -26.77 5.63
CA VAL A 520 32.25 -27.16 5.28
C VAL A 520 32.28 -28.72 5.20
N TYR A 521 31.89 -29.35 6.30
CA TYR A 521 32.22 -30.76 6.58
C TYR A 521 31.28 -31.74 5.81
N PHE A 522 30.24 -31.22 5.19
CA PHE A 522 29.29 -31.97 4.44
C PHE A 522 28.74 -31.10 3.32
N GLN A 523 28.40 -31.70 2.21
CA GLN A 523 27.89 -30.96 1.08
C GLN A 523 26.60 -30.23 1.56
N PRO A 524 26.56 -28.93 1.48
CA PRO A 524 25.40 -28.24 2.01
C PRO A 524 24.15 -28.24 1.14
N VAL A 525 23.02 -28.10 1.78
CA VAL A 525 21.81 -27.60 1.11
C VAL A 525 21.75 -26.13 1.53
N PRO A 526 21.85 -25.20 0.58
CA PRO A 526 21.76 -23.79 0.97
C PRO A 526 20.37 -23.27 1.11
N ALA A 527 20.14 -22.39 2.06
CA ALA A 527 19.02 -21.48 2.06
C ALA A 527 19.57 -20.11 1.61
N LEU A 528 19.02 -19.61 0.50
CA LEU A 528 19.51 -18.46 -0.21
C LEU A 528 18.51 -17.29 -0.11
N LEU A 529 19.04 -16.06 -0.08
CA LEU A 529 18.18 -14.85 0.05
C LEU A 529 17.22 -14.95 1.25
N CYS A 530 17.78 -15.35 2.39
CA CYS A 530 16.96 -15.61 3.60
C CYS A 530 16.18 -14.33 4.01
N GLU A 531 14.94 -14.58 4.41
CA GLU A 531 13.90 -13.61 4.71
CA GLU A 531 14.01 -13.52 4.80
C GLU A 531 13.82 -12.53 3.65
N PHE A 532 14.06 -12.95 2.41
CA PHE A 532 14.00 -12.06 1.22
C PHE A 532 14.84 -10.83 1.51
N SER A 533 16.15 -11.07 1.64
CA SER A 533 17.06 -10.06 2.24
C SER A 533 17.35 -8.89 1.31
N ALA A 534 16.99 -9.03 0.04
CA ALA A 534 17.02 -7.94 -0.98
C ALA A 534 15.89 -8.21 -1.97
N PRO A 535 15.36 -7.15 -2.61
CA PRO A 535 14.18 -7.28 -3.42
C PRO A 535 14.58 -7.65 -4.85
N VAL A 536 14.87 -8.92 -4.99
CA VAL A 536 15.55 -9.42 -6.21
C VAL A 536 14.89 -10.72 -6.64
N LYS A 537 15.03 -11.06 -7.90
CA LYS A 537 14.68 -12.40 -8.39
C LYS A 537 15.87 -13.29 -8.20
N LEU A 538 15.69 -14.48 -7.67
CA LEU A 538 16.83 -15.41 -7.47
C LEU A 538 16.76 -16.46 -8.50
N GLU A 539 17.88 -16.70 -9.15
CA GLU A 539 18.07 -17.79 -10.14
CA GLU A 539 18.02 -17.80 -10.09
C GLU A 539 19.06 -18.79 -9.58
N TYR A 540 18.61 -19.93 -9.10
CA TYR A 540 19.50 -21.02 -8.60
C TYR A 540 18.84 -22.26 -9.07
N LYS A 541 19.66 -23.22 -9.46
CA LYS A 541 19.10 -24.46 -10.05
C LYS A 541 18.80 -25.51 -8.96
N TRP A 542 17.73 -25.29 -8.23
CA TRP A 542 17.34 -26.11 -7.12
C TRP A 542 16.94 -27.50 -7.62
N SER A 543 17.22 -28.56 -6.86
CA SER A 543 16.54 -29.86 -7.11
C SER A 543 15.26 -29.85 -6.31
N ASP A 544 14.24 -30.64 -6.70
CA ASP A 544 13.06 -30.72 -5.86
C ASP A 544 13.36 -31.18 -4.45
N GLN A 545 14.32 -32.11 -4.31
CA GLN A 545 14.70 -32.61 -3.00
C GLN A 545 15.35 -31.54 -2.12
N GLN A 546 16.18 -30.66 -2.66
CA GLN A 546 16.71 -29.54 -1.83
C GLN A 546 15.55 -28.70 -1.24
N LEU A 547 14.52 -28.47 -2.04
CA LEU A 547 13.39 -27.66 -1.65
C LEU A 547 12.57 -28.35 -0.61
N THR A 548 12.28 -29.65 -0.78
CA THR A 548 11.49 -30.34 0.25
C THR A 548 12.30 -30.50 1.49
N PHE A 549 13.61 -30.66 1.35
CA PHE A 549 14.50 -30.68 2.53
C PHE A 549 14.37 -29.35 3.34
N LEU A 550 14.46 -28.21 2.64
CA LEU A 550 14.27 -26.89 3.29
C LEU A 550 12.87 -26.75 3.87
N MET A 551 11.84 -27.27 3.21
CA MET A 551 10.50 -27.23 3.77
C MET A 551 10.42 -27.89 5.14
N ARG A 552 11.19 -28.95 5.35
CA ARG A 552 11.20 -29.66 6.63
C ARG A 552 12.17 -29.06 7.59
N HIS A 553 13.37 -28.68 7.15
CA HIS A 553 14.45 -28.36 8.08
C HIS A 553 14.83 -26.91 8.26
N ALA A 554 14.44 -26.01 7.37
CA ALA A 554 15.01 -24.67 7.45
C ALA A 554 14.69 -24.07 8.81
N ARG A 555 15.59 -23.28 9.40
CA ARG A 555 15.24 -22.80 10.71
C ARG A 555 14.29 -21.60 10.79
N ASN A 556 14.19 -20.76 9.76
CA ASN A 556 13.20 -19.66 9.80
C ASN A 556 12.01 -20.15 8.99
N ASP A 557 10.86 -19.90 9.52
CA ASP A 557 9.61 -20.23 8.88
C ASP A 557 9.43 -19.61 7.52
N PHE A 558 10.01 -18.43 7.33
CA PHE A 558 9.93 -17.82 6.04
C PHE A 558 10.57 -18.73 4.97
N SER A 559 11.75 -19.27 5.27
CA SER A 559 12.47 -20.08 4.29
C SER A 559 11.72 -21.37 3.93
N ARG A 560 10.94 -21.90 4.90
CA ARG A 560 10.15 -23.08 4.69
C ARG A 560 9.02 -22.78 3.67
N TRP A 561 8.39 -21.63 3.82
CA TRP A 561 7.40 -21.15 2.86
C TRP A 561 8.01 -20.89 1.49
N ASP A 562 9.12 -20.19 1.50
CA ASP A 562 9.77 -19.76 0.29
C ASP A 562 10.20 -20.99 -0.53
N ALA A 563 10.75 -22.00 0.14
CA ALA A 563 11.09 -23.26 -0.55
C ALA A 563 9.89 -23.92 -1.22
N ALA A 564 8.75 -23.89 -0.53
CA ALA A 564 7.52 -24.41 -1.12
C ALA A 564 7.12 -23.58 -2.30
N GLN A 565 7.37 -22.27 -2.25
CA GLN A 565 7.09 -21.42 -3.43
C GLN A 565 7.93 -21.77 -4.67
N SER A 566 9.19 -21.96 -4.43
CA SER A 566 10.14 -22.33 -5.48
C SER A 566 9.72 -23.73 -6.06
N LEU A 567 9.27 -24.63 -5.19
CA LEU A 567 8.86 -25.97 -5.64
C LEU A 567 7.62 -25.85 -6.55
N LEU A 568 6.62 -25.08 -6.10
CA LEU A 568 5.46 -24.87 -6.85
C LEU A 568 5.69 -24.15 -8.17
N ALA A 569 6.58 -23.17 -8.18
CA ALA A 569 6.86 -22.37 -9.38
C ALA A 569 7.20 -23.28 -10.57
N THR A 570 8.09 -24.22 -10.34
CA THR A 570 8.43 -25.22 -11.38
C THR A 570 7.23 -25.86 -12.03
N TYR A 571 6.27 -26.23 -11.21
CA TYR A 571 5.14 -27.03 -11.66
C TYR A 571 4.02 -26.17 -12.15
N ILE A 572 3.99 -24.91 -11.69
CA ILE A 572 3.10 -23.92 -12.31
C ILE A 572 3.52 -23.63 -13.72
N LYS A 573 4.80 -23.42 -13.96
CA LYS A 573 5.30 -23.15 -15.27
C LYS A 573 5.04 -24.38 -16.18
N LEU A 574 5.36 -25.56 -15.65
CA LEU A 574 5.05 -26.79 -16.42
C LEU A 574 3.64 -26.80 -16.89
N ASN A 575 2.76 -26.63 -15.96
CA ASN A 575 1.34 -26.81 -16.23
C ASN A 575 0.68 -25.74 -17.05
N VAL A 576 1.23 -24.49 -17.00
CA VAL A 576 0.80 -23.46 -17.98
C VAL A 576 1.19 -23.82 -19.41
N ALA A 577 2.42 -24.27 -19.62
CA ALA A 577 2.84 -24.77 -20.92
C ALA A 577 1.95 -25.94 -21.43
N ARG A 578 1.58 -26.85 -20.53
CA ARG A 578 0.71 -27.95 -20.82
C ARG A 578 -0.67 -27.47 -21.20
N HIS A 579 -1.22 -26.52 -20.45
CA HIS A 579 -2.53 -25.98 -20.76
C HIS A 579 -2.55 -25.43 -22.19
N GLN A 580 -1.54 -24.73 -22.59
CA GLN A 580 -1.50 -24.14 -23.90
C GLN A 580 -1.46 -25.23 -25.02
N GLN A 581 -1.03 -26.46 -24.71
CA GLN A 581 -0.98 -27.57 -25.65
C GLN A 581 -2.25 -28.41 -25.47
N GLY A 582 -3.25 -27.97 -24.70
CA GLY A 582 -4.43 -28.80 -24.50
C GLY A 582 -4.25 -30.02 -23.54
N GLN A 583 -3.23 -30.03 -22.68
CA GLN A 583 -3.01 -31.16 -21.81
C GLN A 583 -3.35 -30.90 -20.35
N PRO A 584 -3.75 -31.92 -19.61
CA PRO A 584 -4.14 -31.70 -18.24
C PRO A 584 -2.97 -31.69 -17.31
N LEU A 585 -3.27 -31.39 -16.08
CA LEU A 585 -2.25 -31.16 -15.06
C LEU A 585 -1.43 -32.41 -14.82
N SER A 586 -0.14 -32.22 -14.63
CA SER A 586 0.81 -33.26 -14.32
C SER A 586 1.56 -32.78 -13.08
N LEU A 587 1.73 -33.64 -12.06
CA LEU A 587 2.43 -33.26 -10.81
C LEU A 587 3.07 -34.47 -10.24
N PRO A 588 4.37 -34.40 -9.96
CA PRO A 588 4.96 -35.61 -9.35
C PRO A 588 4.40 -35.98 -8.02
N VAL A 589 4.33 -37.27 -7.77
CA VAL A 589 3.78 -37.75 -6.48
C VAL A 589 4.58 -37.13 -5.34
N HIS A 590 5.89 -37.05 -5.49
CA HIS A 590 6.72 -36.52 -4.38
C HIS A 590 6.44 -35.04 -4.05
N VAL A 591 5.84 -34.31 -4.99
CA VAL A 591 5.40 -32.93 -4.70
C VAL A 591 4.14 -32.89 -3.86
N ALA A 592 3.15 -33.68 -4.27
CA ALA A 592 1.98 -33.85 -3.42
C ALA A 592 2.32 -34.33 -1.97
N ASP A 593 3.24 -35.26 -1.86
CA ASP A 593 3.69 -35.80 -0.62
C ASP A 593 4.23 -34.66 0.27
N ALA A 594 4.93 -33.69 -0.30
CA ALA A 594 5.50 -32.60 0.49
C ALA A 594 4.39 -31.78 1.16
N PHE A 595 3.28 -31.53 0.47
CA PHE A 595 2.18 -30.77 1.03
C PHE A 595 1.38 -31.62 2.01
N ARG A 596 1.25 -32.92 1.72
CA ARG A 596 0.69 -33.83 2.73
CA ARG A 596 0.69 -33.85 2.71
C ARG A 596 1.46 -33.75 4.04
N ALA A 597 2.79 -33.80 3.98
CA ALA A 597 3.55 -33.75 5.16
C ALA A 597 3.30 -32.44 5.99
N VAL A 598 3.08 -31.31 5.31
CA VAL A 598 2.79 -30.06 5.97
C VAL A 598 1.43 -30.18 6.71
N LEU A 599 0.46 -30.77 6.08
CA LEU A 599 -0.83 -30.94 6.72
C LEU A 599 -0.78 -31.83 7.94
N LEU A 600 0.05 -32.87 7.94
CA LEU A 600 0.11 -33.80 9.04
C LEU A 600 1.22 -33.50 10.06
N ASP A 601 2.00 -32.44 9.90
CA ASP A 601 3.10 -32.19 10.81
C ASP A 601 2.48 -31.56 12.06
N GLU A 602 2.58 -32.23 13.16
CA GLU A 602 1.95 -31.71 14.39
C GLU A 602 2.78 -30.64 15.12
N LYS A 603 4.01 -30.43 14.71
CA LYS A 603 4.92 -29.47 15.29
C LYS A 603 4.85 -28.11 14.57
N ILE A 604 4.43 -28.07 13.33
CA ILE A 604 4.49 -26.83 12.54
C ILE A 604 3.49 -25.81 13.07
N ASP A 605 3.91 -24.57 13.15
CA ASP A 605 2.94 -23.53 13.48
C ASP A 605 1.82 -23.49 12.43
N PRO A 606 0.57 -23.53 12.87
CA PRO A 606 -0.54 -23.47 11.92
C PRO A 606 -0.50 -22.21 11.03
N ALA A 607 0.04 -21.10 11.52
CA ALA A 607 0.15 -19.91 10.71
C ALA A 607 1.01 -20.18 9.46
N LEU A 608 2.10 -20.92 9.68
CA LEU A 608 3.02 -21.24 8.63
C LEU A 608 2.37 -22.27 7.71
N ALA A 609 1.74 -23.28 8.29
CA ALA A 609 1.03 -24.22 7.46
C ALA A 609 0.02 -23.60 6.55
N ALA A 610 -0.77 -22.68 7.10
CA ALA A 610 -1.80 -22.04 6.32
C ALA A 610 -1.24 -21.33 5.09
N GLU A 611 -0.11 -20.67 5.24
CA GLU A 611 0.51 -19.94 4.12
C GLU A 611 1.11 -20.88 3.06
N ILE A 612 1.78 -21.95 3.49
CA ILE A 612 2.26 -22.98 2.56
C ILE A 612 1.06 -23.58 1.74
N LEU A 613 -0.10 -23.73 2.38
CA LEU A 613 -1.34 -24.24 1.81
C LEU A 613 -2.18 -23.19 1.10
N THR A 614 -1.68 -21.97 0.99
CA THR A 614 -2.30 -20.93 0.21
C THR A 614 -1.51 -20.81 -1.09
N LEU A 615 -2.11 -21.21 -2.20
CA LEU A 615 -1.42 -21.13 -3.50
C LEU A 615 -1.11 -19.68 -3.90
N PRO A 616 0.02 -19.46 -4.58
CA PRO A 616 0.29 -18.15 -5.17
C PRO A 616 -0.90 -17.63 -5.93
N SER A 617 -1.21 -16.34 -5.81
CA SER A 617 -2.32 -15.77 -6.52
C SER A 617 -2.04 -15.73 -8.06
N VAL A 618 -3.06 -15.46 -8.87
CA VAL A 618 -2.87 -15.39 -10.34
C VAL A 618 -1.87 -14.28 -10.71
N ASN A 619 -1.88 -13.20 -9.91
CA ASN A 619 -0.83 -12.18 -9.95
C ASN A 619 0.57 -12.58 -9.64
N GLU A 620 0.77 -13.36 -8.59
CA GLU A 620 2.08 -13.83 -8.33
C GLU A 620 2.49 -14.87 -9.43
N MET A 621 1.54 -15.73 -9.87
CA MET A 621 1.83 -16.67 -10.95
C MET A 621 2.30 -15.97 -12.23
N ALA A 622 1.62 -14.88 -12.58
CA ALA A 622 1.94 -14.11 -13.80
C ALA A 622 3.39 -13.68 -13.85
N GLU A 623 3.97 -13.37 -12.72
CA GLU A 623 5.36 -12.90 -12.69
C GLU A 623 6.43 -13.99 -12.97
N LEU A 624 5.98 -15.25 -12.99
CA LEU A 624 6.85 -16.36 -13.47
C LEU A 624 7.07 -16.39 -14.97
N PHE A 625 6.30 -15.62 -15.78
CA PHE A 625 6.29 -15.76 -17.19
C PHE A 625 6.74 -14.46 -17.86
N ASP A 626 7.47 -14.56 -18.97
CA ASP A 626 7.73 -13.38 -19.85
C ASP A 626 6.49 -12.89 -20.54
N ILE A 627 5.77 -13.81 -21.15
CA ILE A 627 4.51 -13.50 -21.70
C ILE A 627 3.39 -14.13 -20.90
N ILE A 628 2.45 -13.30 -20.45
CA ILE A 628 1.42 -13.78 -19.56
C ILE A 628 0.26 -14.39 -20.36
N ASP A 629 -0.13 -15.61 -20.01
CA ASP A 629 -1.35 -16.21 -20.51
C ASP A 629 -2.36 -16.31 -19.36
N PRO A 630 -3.27 -15.35 -19.26
CA PRO A 630 -4.05 -15.24 -18.02
C PRO A 630 -5.10 -16.30 -17.87
N ILE A 631 -5.62 -16.81 -18.99
CA ILE A 631 -6.57 -17.91 -18.97
C ILE A 631 -5.85 -19.20 -18.53
N ALA A 632 -4.67 -19.51 -19.07
CA ALA A 632 -3.97 -20.69 -18.64
C ALA A 632 -3.64 -20.61 -17.16
N ILE A 633 -3.19 -19.44 -16.71
CA ILE A 633 -2.80 -19.29 -15.29
C ILE A 633 -4.05 -19.55 -14.41
N ALA A 634 -5.21 -18.98 -14.76
CA ALA A 634 -6.41 -19.13 -13.94
C ALA A 634 -6.82 -20.61 -13.95
N GLU A 635 -6.81 -21.24 -15.13
CA GLU A 635 -7.21 -22.65 -15.21
C GLU A 635 -6.26 -23.60 -14.50
N VAL A 636 -4.95 -23.35 -14.62
CA VAL A 636 -3.94 -24.13 -13.93
C VAL A 636 -4.07 -23.98 -12.40
N ARG A 637 -4.35 -22.74 -11.94
CA ARG A 637 -4.56 -22.57 -10.50
C ARG A 637 -5.71 -23.39 -9.99
N GLU A 638 -6.83 -23.36 -10.71
CA GLU A 638 -7.93 -24.20 -10.40
C GLU A 638 -7.60 -25.73 -10.42
N ALA A 639 -6.92 -26.16 -11.47
CA ALA A 639 -6.65 -27.60 -11.67
C ALA A 639 -5.71 -28.03 -10.56
N LEU A 640 -4.73 -27.20 -10.22
CA LEU A 640 -3.80 -27.56 -9.11
C LEU A 640 -4.55 -27.69 -7.78
N THR A 641 -5.47 -26.78 -7.55
CA THR A 641 -6.32 -26.83 -6.34
C THR A 641 -7.13 -28.15 -6.33
N ARG A 642 -7.72 -28.49 -7.47
CA ARG A 642 -8.49 -29.72 -7.63
C ARG A 642 -7.68 -30.95 -7.43
N THR A 643 -6.49 -31.01 -7.96
CA THR A 643 -5.66 -32.17 -7.81
C THR A 643 -5.23 -32.34 -6.36
N LEU A 644 -4.81 -31.27 -5.71
CA LEU A 644 -4.46 -31.34 -4.31
C LEU A 644 -5.68 -31.71 -3.46
N ALA A 645 -6.84 -31.17 -3.74
CA ALA A 645 -8.04 -31.55 -3.02
C ALA A 645 -8.30 -33.06 -3.07
N THR A 646 -8.21 -33.62 -4.28
CA THR A 646 -8.37 -35.07 -4.51
C THR A 646 -7.27 -35.84 -3.81
N GLU A 647 -6.01 -35.52 -4.00
CA GLU A 647 -4.94 -36.29 -3.43
C GLU A 647 -4.90 -36.20 -1.91
N LEU A 648 -5.33 -35.09 -1.29
CA LEU A 648 -5.16 -34.88 0.14
C LEU A 648 -6.49 -34.83 0.85
N ALA A 649 -7.56 -35.30 0.21
CA ALA A 649 -8.90 -35.14 0.74
C ALA A 649 -9.08 -35.50 2.22
N ASP A 650 -8.57 -36.64 2.62
CA ASP A 650 -8.86 -37.11 4.00
C ASP A 650 -8.09 -36.22 4.96
N GLU A 651 -6.83 -35.92 4.63
CA GLU A 651 -6.00 -35.12 5.47
C GLU A 651 -6.59 -33.70 5.63
N LEU A 652 -7.09 -33.14 4.53
CA LEU A 652 -7.68 -31.82 4.52
C LEU A 652 -8.88 -31.76 5.45
N LEU A 653 -9.76 -32.77 5.37
CA LEU A 653 -10.92 -32.80 6.24
C LEU A 653 -10.53 -32.95 7.70
N ALA A 654 -9.54 -33.77 7.95
CA ALA A 654 -9.12 -34.01 9.31
C ALA A 654 -8.58 -32.68 9.91
N ILE A 655 -7.77 -31.93 9.15
CA ILE A 655 -7.22 -30.69 9.64
C ILE A 655 -8.29 -29.58 9.77
N TYR A 656 -9.22 -29.54 8.84
CA TYR A 656 -10.33 -28.70 8.89
C TYR A 656 -11.09 -28.89 10.22
N ASN A 657 -11.37 -30.15 10.56
CA ASN A 657 -12.11 -30.42 11.78
C ASN A 657 -11.31 -30.15 13.01
N ALA A 658 -10.02 -30.49 13.00
CA ALA A 658 -9.22 -30.32 14.16
C ALA A 658 -9.09 -28.85 14.55
N ASN A 659 -9.23 -27.92 13.58
CA ASN A 659 -9.01 -26.52 13.84
C ASN A 659 -10.26 -25.74 14.12
N TYR A 660 -11.38 -26.46 14.24
CA TYR A 660 -12.65 -25.86 14.64
C TYR A 660 -12.50 -25.05 15.95
N GLN A 661 -13.09 -23.87 15.98
CA GLN A 661 -13.01 -22.99 17.17
C GLN A 661 -14.42 -22.44 17.45
N SER A 662 -14.94 -22.72 18.65
CA SER A 662 -16.33 -22.25 18.95
C SER A 662 -16.35 -20.76 19.36
N GLU A 663 -15.39 -20.30 20.14
CA GLU A 663 -15.24 -18.88 20.47
C GLU A 663 -14.50 -18.18 19.28
N TYR A 664 -14.97 -17.02 18.91
CA TYR A 664 -14.24 -16.11 17.99
C TYR A 664 -13.41 -15.07 18.79
N ARG A 665 -12.13 -15.06 18.52
CA ARG A 665 -11.21 -14.09 19.10
C ARG A 665 -10.29 -13.49 18.04
N VAL A 666 -10.07 -12.17 18.11
CA VAL A 666 -9.05 -11.49 17.33
C VAL A 666 -7.73 -11.55 18.06
N GLU A 667 -7.15 -12.75 18.10
CA GLU A 667 -5.97 -13.06 18.78
C GLU A 667 -5.17 -13.95 17.83
N HIS A 668 -3.87 -13.76 17.83
CA HIS A 668 -2.97 -14.34 16.83
C HIS A 668 -2.98 -15.85 16.75
N GLU A 669 -3.05 -16.55 17.86
CA GLU A 669 -3.08 -18.00 17.79
CA GLU A 669 -3.11 -18.04 17.85
C GLU A 669 -4.38 -18.50 17.17
N ASP A 670 -5.49 -17.84 17.50
CA ASP A 670 -6.78 -18.19 17.00
C ASP A 670 -6.89 -17.86 15.48
N ILE A 671 -6.39 -16.68 15.12
CA ILE A 671 -6.35 -16.29 13.73
C ILE A 671 -5.61 -17.32 12.90
N ALA A 672 -4.47 -17.80 13.39
CA ALA A 672 -3.66 -18.77 12.69
C ALA A 672 -4.43 -20.07 12.44
N LYS A 673 -5.02 -20.61 13.53
CA LYS A 673 -5.87 -21.79 13.36
C LYS A 673 -6.99 -21.66 12.35
N ARG A 674 -7.65 -20.50 12.37
CA ARG A 674 -8.75 -20.23 11.49
C ARG A 674 -8.25 -20.07 10.05
N THR A 675 -7.10 -19.42 9.86
CA THR A 675 -6.52 -19.28 8.50
C THR A 675 -6.20 -20.68 7.92
N LEU A 676 -5.68 -21.57 8.76
CA LEU A 676 -5.38 -22.95 8.35
C LEU A 676 -6.67 -23.71 8.02
N ARG A 677 -7.67 -23.57 8.86
CA ARG A 677 -8.95 -24.22 8.64
C ARG A 677 -9.59 -23.78 7.36
N ASN A 678 -9.57 -22.47 7.09
CA ASN A 678 -10.16 -21.95 5.88
C ASN A 678 -9.33 -22.23 4.58
N ALA A 679 -8.05 -22.35 4.75
CA ALA A 679 -7.20 -22.86 3.68
C ALA A 679 -7.56 -24.30 3.32
N CYS A 680 -7.81 -25.13 4.35
CA CYS A 680 -8.31 -26.50 4.10
C CYS A 680 -9.70 -26.46 3.43
N LEU A 681 -10.57 -25.59 3.91
CA LEU A 681 -11.84 -25.47 3.31
C LEU A 681 -11.78 -25.11 1.83
N ARG A 682 -10.84 -24.24 1.48
CA ARG A 682 -10.78 -23.86 0.04
C ARG A 682 -10.53 -25.08 -0.89
N PHE A 683 -9.62 -25.94 -0.49
CA PHE A 683 -9.34 -27.18 -1.23
C PHE A 683 -10.56 -28.12 -1.19
N LEU A 684 -11.21 -28.28 -0.03
CA LEU A 684 -12.33 -29.15 0.09
C LEU A 684 -13.48 -28.71 -0.77
N ALA A 685 -13.65 -27.41 -0.99
CA ALA A 685 -14.67 -26.90 -1.88
C ALA A 685 -14.51 -27.39 -3.35
N PHE A 686 -13.27 -27.68 -3.70
CA PHE A 686 -12.91 -28.17 -5.03
C PHE A 686 -12.80 -29.67 -5.09
N GLY A 687 -13.24 -30.40 -4.05
CA GLY A 687 -13.29 -31.82 -4.09
C GLY A 687 -14.60 -32.30 -4.61
N GLU A 688 -14.98 -33.45 -4.10
CA GLU A 688 -16.21 -34.07 -4.51
C GLU A 688 -17.34 -33.15 -4.19
N THR A 689 -18.27 -33.02 -5.13
CA THR A 689 -19.20 -31.92 -5.16
C THR A 689 -20.21 -31.90 -4.05
N HIS A 690 -20.83 -33.05 -3.79
CA HIS A 690 -21.83 -33.11 -2.73
C HIS A 690 -21.24 -32.79 -1.34
N LEU A 691 -20.11 -33.40 -0.97
CA LEU A 691 -19.45 -33.06 0.28
C LEU A 691 -19.03 -31.57 0.31
N ALA A 692 -18.53 -31.07 -0.83
CA ALA A 692 -18.11 -29.67 -0.87
C ALA A 692 -19.28 -28.80 -0.54
N ASP A 693 -20.40 -29.03 -1.23
CA ASP A 693 -21.57 -28.15 -1.07
C ASP A 693 -22.08 -28.14 0.35
N VAL A 694 -22.06 -29.31 0.98
CA VAL A 694 -22.55 -29.44 2.33
C VAL A 694 -21.60 -28.71 3.31
N LEU A 695 -20.31 -28.94 3.18
CA LEU A 695 -19.35 -28.32 4.09
C LEU A 695 -19.45 -26.80 3.99
N VAL A 696 -19.51 -26.31 2.76
CA VAL A 696 -19.42 -24.87 2.56
C VAL A 696 -20.72 -24.20 3.03
N SER A 697 -21.88 -24.76 2.63
CA SER A 697 -23.19 -24.22 3.03
CA SER A 697 -23.15 -24.15 3.02
C SER A 697 -23.34 -24.19 4.56
N LYS A 698 -22.91 -25.23 5.19
CA LYS A 698 -23.00 -25.35 6.63
C LYS A 698 -22.06 -24.34 7.30
N GLN A 699 -20.83 -24.18 6.79
CA GLN A 699 -19.96 -23.13 7.41
C GLN A 699 -20.58 -21.74 7.27
N PHE A 700 -21.11 -21.44 6.12
CA PHE A 700 -21.72 -20.14 5.87
C PHE A 700 -22.84 -19.89 6.89
N HIS A 701 -23.69 -20.90 7.05
CA HIS A 701 -24.81 -20.78 8.00
C HIS A 701 -24.46 -20.87 9.45
N GLU A 702 -23.47 -21.64 9.84
CA GLU A 702 -23.13 -21.80 11.24
C GLU A 702 -22.11 -20.76 11.72
N ALA A 703 -21.44 -20.03 10.82
CA ALA A 703 -20.37 -19.09 11.21
C ALA A 703 -20.83 -18.11 12.24
N ASN A 704 -20.02 -17.87 13.23
CA ASN A 704 -20.35 -16.81 14.18
C ASN A 704 -19.46 -15.60 14.00
N ASN A 705 -18.88 -15.41 12.82
CA ASN A 705 -18.02 -14.29 12.52
C ASN A 705 -17.89 -14.20 11.00
N MET A 706 -17.53 -13.01 10.50
CA MET A 706 -17.53 -12.77 9.04
C MET A 706 -16.33 -13.47 8.43
N THR A 707 -15.25 -13.76 9.16
CA THR A 707 -14.13 -14.46 8.54
C THR A 707 -14.62 -15.80 7.98
N ASP A 708 -15.30 -16.54 8.83
CA ASP A 708 -15.74 -17.86 8.46
C ASP A 708 -16.87 -17.84 7.44
N ALA A 709 -17.82 -16.90 7.56
CA ALA A 709 -18.89 -16.77 6.61
C ALA A 709 -18.36 -16.45 5.22
N LEU A 710 -17.47 -15.47 5.16
CA LEU A 710 -16.91 -15.05 3.88
C LEU A 710 -16.01 -16.11 3.26
N ALA A 711 -15.22 -16.82 4.04
CA ALA A 711 -14.43 -17.89 3.46
C ALA A 711 -15.31 -18.97 2.77
N ALA A 712 -16.46 -19.29 3.37
CA ALA A 712 -17.44 -20.23 2.78
C ALA A 712 -18.08 -19.64 1.52
N LEU A 713 -18.47 -18.39 1.59
CA LEU A 713 -19.11 -17.74 0.47
C LEU A 713 -18.13 -17.66 -0.69
N SER A 714 -16.89 -17.27 -0.39
CA SER A 714 -15.87 -17.13 -1.38
C SER A 714 -15.58 -18.50 -2.07
N ALA A 715 -15.50 -19.60 -1.28
CA ALA A 715 -15.32 -20.94 -1.79
C ALA A 715 -16.50 -21.40 -2.70
N ALA A 716 -17.71 -21.03 -2.33
CA ALA A 716 -18.90 -21.35 -3.14
C ALA A 716 -18.85 -20.69 -4.49
N VAL A 717 -18.40 -19.45 -4.51
CA VAL A 717 -18.19 -18.76 -5.77
C VAL A 717 -17.06 -19.37 -6.60
N ALA A 718 -15.90 -19.59 -5.99
CA ALA A 718 -14.74 -20.00 -6.70
C ALA A 718 -14.97 -21.39 -7.33
N ALA A 719 -15.64 -22.25 -6.58
CA ALA A 719 -15.84 -23.63 -7.04
C ALA A 719 -17.17 -23.80 -7.76
N GLN A 720 -17.91 -22.71 -7.91
CA GLN A 720 -19.18 -22.72 -8.58
C GLN A 720 -20.08 -23.81 -7.98
N LEU A 721 -20.20 -23.83 -6.67
CA LEU A 721 -20.97 -24.90 -6.00
C LEU A 721 -22.47 -24.63 -6.12
N PRO A 722 -23.27 -25.70 -6.02
CA PRO A 722 -24.74 -25.56 -6.16
C PRO A 722 -25.37 -24.50 -5.27
N CYS A 723 -24.89 -24.41 -4.02
CA CYS A 723 -25.37 -23.43 -3.06
C CYS A 723 -25.03 -21.96 -3.33
N ARG A 724 -24.16 -21.67 -4.30
CA ARG A 724 -23.62 -20.31 -4.50
C ARG A 724 -24.69 -19.26 -4.64
N ASP A 725 -25.63 -19.45 -5.55
CA ASP A 725 -26.64 -18.38 -5.77
C ASP A 725 -27.49 -18.06 -4.57
N ALA A 726 -27.89 -19.09 -3.83
CA ALA A 726 -28.67 -18.87 -2.60
C ALA A 726 -27.83 -18.11 -1.52
N LEU A 727 -26.58 -18.54 -1.30
CA LEU A 727 -25.75 -17.87 -0.32
C LEU A 727 -25.50 -16.41 -0.70
N MET A 728 -25.22 -16.15 -1.98
CA MET A 728 -24.97 -14.80 -2.43
C MET A 728 -26.22 -13.95 -2.27
N GLN A 729 -27.40 -14.52 -2.57
CA GLN A 729 -28.61 -13.73 -2.31
C GLN A 729 -28.83 -13.47 -0.83
N GLU A 730 -28.62 -14.47 0.00
CA GLU A 730 -28.77 -14.28 1.44
CA GLU A 730 -28.78 -14.27 1.43
C GLU A 730 -27.91 -13.11 1.91
N TYR A 731 -26.66 -13.05 1.41
CA TYR A 731 -25.72 -12.00 1.88
C TYR A 731 -26.18 -10.66 1.44
N ASP A 732 -26.61 -10.55 0.20
CA ASP A 732 -27.18 -9.27 -0.32
C ASP A 732 -28.39 -8.85 0.53
N ASP A 733 -29.31 -9.80 0.73
CA ASP A 733 -30.55 -9.47 1.49
C ASP A 733 -30.23 -8.98 2.90
N LYS A 734 -29.21 -9.53 3.53
CA LYS A 734 -28.88 -9.11 4.88
C LYS A 734 -28.07 -7.79 4.90
N TRP A 735 -27.13 -7.62 3.94
CA TRP A 735 -26.15 -6.57 4.04
C TRP A 735 -26.18 -5.46 3.07
N HIS A 736 -27.19 -5.36 2.23
CA HIS A 736 -27.19 -4.36 1.16
C HIS A 736 -27.10 -2.92 1.60
N GLN A 737 -27.53 -2.62 2.82
CA GLN A 737 -27.45 -1.26 3.35
CA GLN A 737 -27.45 -1.24 3.30
C GLN A 737 -26.07 -0.89 3.86
N ASN A 738 -25.17 -1.87 3.95
CA ASN A 738 -23.86 -1.62 4.45
C ASN A 738 -22.77 -1.74 3.32
N GLY A 739 -22.34 -0.58 2.83
CA GLY A 739 -21.40 -0.51 1.71
C GLY A 739 -20.13 -1.26 1.97
N LEU A 740 -19.50 -1.10 3.14
CA LEU A 740 -18.26 -1.83 3.37
C LEU A 740 -18.41 -3.31 3.33
N VAL A 741 -19.51 -3.80 3.87
CA VAL A 741 -19.71 -5.24 3.86
C VAL A 741 -20.04 -5.69 2.42
N MET A 742 -20.78 -4.84 1.69
CA MET A 742 -21.14 -5.20 0.29
C MET A 742 -19.90 -5.19 -0.60
N ASP A 743 -18.85 -4.44 -0.23
CA ASP A 743 -17.61 -4.47 -0.99
C ASP A 743 -17.10 -5.86 -1.11
N LYS A 744 -17.17 -6.63 -0.04
CA LYS A 744 -16.66 -8.02 -0.13
C LYS A 744 -17.41 -8.85 -1.18
N TRP A 745 -18.69 -8.60 -1.24
CA TRP A 745 -19.58 -9.32 -2.14
C TRP A 745 -19.38 -8.86 -3.60
N PHE A 746 -19.19 -7.56 -3.80
CA PHE A 746 -18.81 -7.04 -5.14
C PHE A 746 -17.50 -7.67 -5.61
N ILE A 747 -16.52 -7.82 -4.72
CA ILE A 747 -15.23 -8.46 -5.08
C ILE A 747 -15.48 -9.89 -5.50
N LEU A 748 -16.33 -10.61 -4.78
CA LEU A 748 -16.58 -11.97 -5.16
C LEU A 748 -17.27 -12.05 -6.53
N GLN A 749 -18.22 -11.18 -6.77
CA GLN A 749 -18.92 -11.11 -8.10
C GLN A 749 -17.89 -10.85 -9.25
N ALA A 750 -17.04 -9.86 -9.01
CA ALA A 750 -16.02 -9.37 -9.97
C ALA A 750 -14.94 -10.43 -10.27
N THR A 751 -14.63 -11.27 -9.28
CA THR A 751 -13.58 -12.25 -9.39
C THR A 751 -14.14 -13.64 -9.66
N SER A 752 -15.42 -13.75 -9.99
CA SER A 752 -16.04 -15.03 -10.15
C SER A 752 -15.48 -15.72 -11.40
N PRO A 753 -15.32 -17.02 -11.35
CA PRO A 753 -14.88 -17.76 -12.54
C PRO A 753 -16.02 -18.09 -13.49
N ALA A 754 -17.23 -17.69 -13.20
CA ALA A 754 -18.34 -18.02 -14.06
C ALA A 754 -18.17 -17.42 -15.45
N ALA A 755 -18.68 -18.14 -16.44
CA ALA A 755 -18.59 -17.68 -17.84
C ALA A 755 -19.27 -16.34 -18.08
N ASN A 756 -20.36 -16.08 -17.39
CA ASN A 756 -21.06 -14.81 -17.62
C ASN A 756 -20.65 -13.65 -16.64
N VAL A 757 -19.44 -13.74 -16.09
CA VAL A 757 -19.03 -12.75 -15.10
C VAL A 757 -19.13 -11.30 -15.57
N LEU A 758 -18.68 -10.99 -16.79
CA LEU A 758 -18.78 -9.62 -17.25
C LEU A 758 -20.22 -9.10 -17.34
N GLU A 759 -21.12 -9.89 -17.87
CA GLU A 759 -22.54 -9.53 -17.86
C GLU A 759 -22.99 -9.26 -16.42
N THR A 760 -22.60 -10.09 -15.46
CA THR A 760 -23.10 -9.89 -14.11
C THR A 760 -22.56 -8.54 -13.54
N VAL A 761 -21.25 -8.36 -13.71
CA VAL A 761 -20.55 -7.08 -13.32
C VAL A 761 -21.20 -5.82 -13.90
N ARG A 762 -21.51 -5.83 -15.19
CA ARG A 762 -22.20 -4.72 -15.80
C ARG A 762 -23.57 -4.51 -15.16
N GLY A 763 -24.30 -5.59 -14.94
CA GLY A 763 -25.60 -5.46 -14.31
C GLY A 763 -25.54 -4.87 -12.90
N LEU A 764 -24.46 -5.21 -12.17
CA LEU A 764 -24.22 -4.66 -10.86
C LEU A 764 -23.89 -3.17 -10.81
N LEU A 765 -23.62 -2.52 -11.93
CA LEU A 765 -23.56 -1.07 -11.95
C LEU A 765 -24.89 -0.44 -11.54
N GLN A 766 -25.96 -1.21 -11.63
CA GLN A 766 -27.26 -0.72 -11.20
C GLN A 766 -27.64 -1.26 -9.86
N HIS A 767 -26.78 -1.97 -9.18
CA HIS A 767 -27.18 -2.59 -7.93
C HIS A 767 -27.44 -1.51 -6.88
N ARG A 768 -28.36 -1.81 -5.99
CA ARG A 768 -28.77 -0.88 -4.92
C ARG A 768 -27.63 -0.41 -4.02
N SER A 769 -26.63 -1.25 -3.82
CA SER A 769 -25.45 -0.90 -3.03
C SER A 769 -24.26 -0.31 -3.80
N PHE A 770 -24.35 -0.16 -5.12
CA PHE A 770 -23.23 0.36 -5.90
C PHE A 770 -23.42 1.84 -6.23
N THR A 771 -22.37 2.63 -6.26
CA THR A 771 -22.48 3.97 -6.84
C THR A 771 -21.12 4.35 -7.38
N MET A 772 -21.13 4.93 -8.59
CA MET A 772 -19.93 5.54 -9.21
C MET A 772 -19.41 6.71 -8.40
N SER A 773 -20.16 7.24 -7.42
CA SER A 773 -19.66 8.38 -6.63
C SER A 773 -18.69 7.97 -5.49
N ASN A 774 -18.51 6.66 -5.29
CA ASN A 774 -17.82 6.18 -4.12
C ASN A 774 -16.63 5.32 -4.51
N PRO A 775 -15.45 5.78 -4.19
CA PRO A 775 -14.24 5.07 -4.63
C PRO A 775 -14.17 3.65 -4.12
N ASN A 776 -14.66 3.37 -2.89
CA ASN A 776 -14.62 2.00 -2.40
C ASN A 776 -15.48 1.07 -3.27
N ARG A 777 -16.67 1.50 -3.61
CA ARG A 777 -17.55 0.70 -4.47
C ARG A 777 -16.93 0.48 -5.85
N ILE A 778 -16.34 1.56 -6.41
CA ILE A 778 -15.70 1.48 -7.72
C ILE A 778 -14.61 0.41 -7.69
N ARG A 779 -13.76 0.50 -6.68
CA ARG A 779 -12.63 -0.41 -6.52
C ARG A 779 -13.06 -1.85 -6.30
N SER A 780 -14.11 -2.05 -5.51
CA SER A 780 -14.57 -3.40 -5.19
CA SER A 780 -14.58 -3.39 -5.19
C SER A 780 -15.29 -4.10 -6.35
N LEU A 781 -15.91 -3.33 -7.27
CA LEU A 781 -16.57 -3.94 -8.41
C LEU A 781 -15.72 -3.90 -9.67
N ILE A 782 -15.39 -2.68 -10.11
CA ILE A 782 -14.74 -2.46 -11.37
C ILE A 782 -13.25 -2.78 -11.24
N GLY A 783 -12.60 -2.24 -10.23
CA GLY A 783 -11.18 -2.48 -9.99
C GLY A 783 -10.86 -3.96 -9.80
N ALA A 784 -11.67 -4.67 -9.03
CA ALA A 784 -11.47 -6.07 -8.76
C ALA A 784 -11.63 -6.84 -10.08
N PHE A 785 -12.60 -6.46 -10.91
CA PHE A 785 -12.77 -7.17 -12.20
C PHE A 785 -11.49 -7.01 -13.05
N ALA A 786 -11.11 -5.78 -13.29
CA ALA A 786 -9.96 -5.51 -14.16
C ALA A 786 -8.60 -6.01 -13.62
N GLY A 787 -8.37 -5.80 -12.32
CA GLY A 787 -7.16 -6.17 -11.65
C GLY A 787 -7.04 -7.52 -11.02
N SER A 788 -8.15 -8.07 -10.56
CA SER A 788 -8.12 -9.37 -9.95
C SER A 788 -8.86 -10.45 -10.66
N ASN A 789 -9.44 -10.16 -11.82
CA ASN A 789 -9.95 -11.28 -12.62
C ASN A 789 -9.28 -11.24 -14.02
N PRO A 790 -7.97 -11.41 -14.07
CA PRO A 790 -7.31 -11.18 -15.38
C PRO A 790 -7.80 -12.14 -16.46
N ALA A 791 -8.26 -13.31 -16.07
CA ALA A 791 -8.83 -14.20 -17.05
C ALA A 791 -10.05 -13.64 -17.80
N ALA A 792 -10.96 -13.00 -17.07
CA ALA A 792 -12.11 -12.37 -17.67
C ALA A 792 -11.77 -11.02 -18.29
N PHE A 793 -10.94 -10.26 -17.58
CA PHE A 793 -10.54 -8.98 -18.08
C PHE A 793 -9.93 -9.17 -19.48
N HIS A 794 -9.15 -10.23 -19.61
CA HIS A 794 -8.39 -10.49 -20.84
C HIS A 794 -9.08 -11.56 -21.75
N ALA A 795 -10.37 -11.62 -21.63
CA ALA A 795 -11.21 -12.39 -22.52
C ALA A 795 -10.78 -12.08 -23.97
N GLU A 796 -10.64 -13.13 -24.74
CA GLU A 796 -10.11 -13.02 -26.12
C GLU A 796 -10.94 -12.12 -27.04
N ASP A 797 -12.23 -12.00 -26.80
CA ASP A 797 -13.06 -11.09 -27.55
C ASP A 797 -12.81 -9.63 -27.21
N GLY A 798 -11.92 -9.28 -26.25
CA GLY A 798 -11.70 -7.88 -25.96
C GLY A 798 -12.79 -7.15 -25.15
N SER A 799 -13.80 -7.87 -24.73
CA SER A 799 -14.91 -7.28 -24.03
C SER A 799 -14.48 -6.63 -22.67
N GLY A 800 -13.50 -7.20 -22.00
CA GLY A 800 -13.03 -6.65 -20.72
C GLY A 800 -12.40 -5.28 -20.93
N TYR A 801 -11.61 -5.16 -22.00
CA TYR A 801 -10.99 -3.87 -22.28
C TYR A 801 -12.07 -2.81 -22.60
N LEU A 802 -13.10 -3.18 -23.36
CA LEU A 802 -14.12 -2.23 -23.72
C LEU A 802 -14.91 -1.71 -22.51
N PHE A 803 -15.25 -2.60 -21.62
CA PHE A 803 -15.91 -2.28 -20.36
C PHE A 803 -15.06 -1.26 -19.56
N LEU A 804 -13.78 -1.57 -19.40
CA LEU A 804 -12.92 -0.65 -18.66
C LEU A 804 -12.83 0.72 -19.33
N VAL A 805 -12.75 0.76 -20.65
CA VAL A 805 -12.78 2.03 -21.37
C VAL A 805 -14.05 2.83 -21.03
N GLU A 806 -15.19 2.16 -21.04
CA GLU A 806 -16.41 2.87 -20.71
CA GLU A 806 -16.41 2.87 -20.71
C GLU A 806 -16.35 3.44 -19.29
N MET A 807 -15.89 2.64 -18.32
CA MET A 807 -15.85 3.15 -16.94
C MET A 807 -14.85 4.30 -16.81
N LEU A 808 -13.72 4.17 -17.47
CA LEU A 808 -12.71 5.21 -17.39
C LEU A 808 -13.14 6.50 -18.10
N THR A 809 -13.96 6.35 -19.13
CA THR A 809 -14.49 7.52 -19.76
C THR A 809 -15.28 8.40 -18.76
N ASP A 810 -16.06 7.78 -17.88
CA ASP A 810 -16.77 8.50 -16.80
C ASP A 810 -15.75 8.98 -15.78
N LEU A 811 -14.88 8.10 -15.31
CA LEU A 811 -14.01 8.42 -14.18
C LEU A 811 -12.95 9.44 -14.50
N ASN A 812 -12.52 9.51 -15.75
CA ASN A 812 -11.57 10.55 -16.14
C ASN A 812 -12.04 11.96 -15.76
N SER A 813 -13.32 12.22 -15.91
CA SER A 813 -13.93 13.49 -15.60
C SER A 813 -14.40 13.52 -14.13
N ARG A 814 -14.92 12.42 -13.58
CA ARG A 814 -15.43 12.44 -12.23
C ARG A 814 -14.31 12.47 -11.16
N ASN A 815 -13.32 11.58 -11.30
CA ASN A 815 -12.37 11.33 -10.23
C ASN A 815 -11.13 10.73 -10.89
N PRO A 816 -10.26 11.61 -11.36
CA PRO A 816 -9.09 11.12 -12.05
C PRO A 816 -8.16 10.26 -11.28
N GLN A 817 -8.01 10.51 -9.98
CA GLN A 817 -7.16 9.67 -9.19
C GLN A 817 -7.60 8.22 -9.20
N VAL A 818 -8.89 8.02 -9.02
CA VAL A 818 -9.47 6.66 -9.08
C VAL A 818 -9.35 6.06 -10.51
N ALA A 819 -9.56 6.89 -11.50
CA ALA A 819 -9.38 6.50 -12.88
C ALA A 819 -7.97 5.93 -13.11
N SER A 820 -6.97 6.63 -12.61
CA SER A 820 -5.64 6.29 -12.85
C SER A 820 -5.28 5.00 -12.15
N ARG A 821 -5.82 4.78 -10.95
CA ARG A 821 -5.64 3.49 -10.30
C ARG A 821 -6.23 2.36 -11.19
N LEU A 822 -7.41 2.59 -11.74
CA LEU A 822 -8.13 1.59 -12.55
C LEU A 822 -7.57 1.35 -13.93
N ILE A 823 -6.82 2.31 -14.47
CA ILE A 823 -6.20 2.05 -15.78
C ILE A 823 -5.00 1.10 -15.75
N GLU A 824 -4.45 0.86 -14.56
CA GLU A 824 -3.21 0.13 -14.49
C GLU A 824 -3.22 -1.24 -15.26
N PRO A 825 -4.31 -2.01 -15.17
CA PRO A 825 -4.26 -3.28 -15.95
C PRO A 825 -4.07 -3.15 -17.46
N LEU A 826 -4.42 -2.02 -18.04
CA LEU A 826 -4.29 -1.80 -19.47
C LEU A 826 -2.96 -1.39 -19.86
N ILE A 827 -2.21 -0.79 -18.94
CA ILE A 827 -0.84 -0.38 -19.27
C ILE A 827 0.21 -1.50 -19.23
N ARG A 828 -0.22 -2.71 -18.89
CA ARG A 828 0.60 -3.88 -18.93
C ARG A 828 0.62 -4.62 -20.23
N LEU A 829 0.10 -4.03 -21.29
CA LEU A 829 -0.15 -4.71 -22.56
C LEU A 829 1.03 -5.44 -23.17
N LYS A 830 2.22 -4.98 -22.93
CA LYS A 830 3.41 -5.61 -23.56
C LYS A 830 3.77 -6.90 -22.92
N ARG A 831 3.14 -7.24 -21.78
CA ARG A 831 3.27 -8.57 -21.22
C ARG A 831 2.41 -9.64 -21.87
N TYR A 832 1.50 -9.26 -22.78
CA TYR A 832 0.51 -10.17 -23.33
C TYR A 832 0.84 -10.49 -24.82
N ASP A 833 0.10 -11.43 -25.38
CA ASP A 833 0.32 -11.88 -26.75
C ASP A 833 -0.11 -10.80 -27.70
N ALA A 834 0.38 -10.90 -28.94
CA ALA A 834 0.16 -9.83 -29.95
C ALA A 834 -1.29 -9.43 -30.16
N LYS A 835 -2.21 -10.38 -30.24
CA LYS A 835 -3.65 -10.10 -30.46
C LYS A 835 -4.30 -9.30 -29.29
N ARG A 836 -3.98 -9.72 -28.05
CA ARG A 836 -4.33 -8.92 -26.88
C ARG A 836 -3.66 -7.57 -26.86
N GLN A 837 -2.36 -7.48 -27.17
CA GLN A 837 -1.74 -6.14 -27.22
C GLN A 837 -2.42 -5.20 -28.14
N GLU A 838 -2.75 -5.71 -29.32
CA GLU A 838 -3.41 -4.85 -30.27
C GLU A 838 -4.75 -4.27 -29.77
N LYS A 839 -5.58 -5.12 -29.17
CA LYS A 839 -6.85 -4.66 -28.57
C LYS A 839 -6.65 -3.69 -27.39
N MET A 840 -5.62 -3.94 -26.62
CA MET A 840 -5.35 -3.08 -25.44
C MET A 840 -4.83 -1.72 -25.93
N ARG A 841 -4.06 -1.73 -26.99
CA ARG A 841 -3.51 -0.51 -27.59
C ARG A 841 -4.63 0.35 -28.15
N ALA A 842 -5.59 -0.28 -28.83
CA ALA A 842 -6.75 0.39 -29.36
C ALA A 842 -7.59 1.02 -28.23
N ALA A 843 -7.74 0.29 -27.14
CA ALA A 843 -8.40 0.85 -25.95
C ALA A 843 -7.66 2.08 -25.39
N LEU A 844 -6.36 1.97 -25.24
CA LEU A 844 -5.57 3.12 -24.81
C LEU A 844 -5.66 4.31 -25.77
N GLU A 845 -5.65 4.02 -27.07
CA GLU A 845 -5.79 5.10 -28.09
CA GLU A 845 -5.79 5.09 -28.08
C GLU A 845 -7.15 5.77 -27.97
N GLN A 846 -8.22 5.01 -27.70
CA GLN A 846 -9.56 5.65 -27.48
CA GLN A 846 -9.52 5.63 -27.46
C GLN A 846 -9.49 6.62 -26.29
N LEU A 847 -8.91 6.18 -25.19
CA LEU A 847 -8.76 7.01 -23.98
C LEU A 847 -7.91 8.24 -24.23
N LYS A 848 -6.82 8.08 -24.99
CA LYS A 848 -5.94 9.20 -25.36
C LYS A 848 -6.72 10.31 -26.07
N GLY A 849 -7.77 9.93 -26.78
CA GLY A 849 -8.56 10.91 -27.56
C GLY A 849 -9.64 11.57 -26.73
N LEU A 850 -9.77 11.23 -25.43
CA LEU A 850 -10.87 11.82 -24.67
C LEU A 850 -10.71 13.33 -24.64
N GLU A 851 -11.86 13.95 -24.70
CA GLU A 851 -11.97 15.36 -24.45
C GLU A 851 -11.66 15.54 -22.96
N ASN A 852 -10.89 16.57 -22.67
CA ASN A 852 -10.54 16.85 -21.29
C ASN A 852 -9.84 15.66 -20.59
N LEU A 853 -8.87 15.05 -21.25
CA LEU A 853 -8.11 13.97 -20.69
C LEU A 853 -7.37 14.51 -19.51
N SER A 854 -7.51 13.87 -18.37
CA SER A 854 -6.81 14.28 -17.19
C SER A 854 -5.29 14.00 -17.34
N GLY A 855 -4.49 14.82 -16.68
CA GLY A 855 -3.06 14.62 -16.56
C GLY A 855 -2.74 13.26 -15.98
N ASP A 856 -3.55 12.84 -15.01
CA ASP A 856 -3.38 11.51 -14.36
C ASP A 856 -3.34 10.39 -15.39
N LEU A 857 -4.32 10.35 -16.27
CA LEU A 857 -4.39 9.31 -17.29
C LEU A 857 -3.41 9.59 -18.42
N TYR A 858 -3.20 10.85 -18.74
CA TYR A 858 -2.27 11.20 -19.84
C TYR A 858 -0.89 10.61 -19.61
N GLU A 859 -0.39 10.75 -18.40
CA GLU A 859 0.94 10.22 -18.07
C GLU A 859 1.06 8.76 -18.34
N LYS A 860 0.06 8.01 -17.84
CA LYS A 860 0.15 6.56 -17.95
C LYS A 860 -0.06 6.10 -19.39
N ILE A 861 -1.02 6.70 -20.05
CA ILE A 861 -1.34 6.33 -21.46
C ILE A 861 -0.17 6.56 -22.41
N THR A 862 0.48 7.71 -22.28
CA THR A 862 1.59 8.02 -23.20
C THR A 862 2.79 7.06 -22.92
N LYS A 863 3.05 6.72 -21.66
CA LYS A 863 4.10 5.75 -21.33
C LYS A 863 3.72 4.39 -21.90
N ALA A 864 2.43 4.01 -21.80
CA ALA A 864 2.01 2.72 -22.30
C ALA A 864 2.08 2.56 -23.83
N LEU A 865 1.78 3.63 -24.54
CA LEU A 865 1.71 3.60 -26.01
C LEU A 865 3.10 3.85 -26.63
N ALA A 866 4.06 4.22 -25.83
CA ALA A 866 5.42 4.48 -26.36
C ALA A 866 6.07 3.23 -26.88
#